data_7NPX
#
_entry.id   7NPX
#
_cell.length_a   84.269
_cell.length_b   87.933
_cell.length_c   185.409
_cell.angle_alpha   90.000
_cell.angle_beta   90.000
_cell.angle_gamma   90.000
#
_symmetry.space_group_name_H-M   'P 21 21 21'
#
loop_
_entity.id
_entity.type
_entity.pdbx_description
1 polymer 'Thioredoxin glutathione reductase'
2 non-polymer 'FLAVIN-ADENINE DINUCLEOTIDE'
3 non-polymer '3-(3-methoxyquinoxalin-2-yl)propanoic acid'
4 non-polymer 'CHLORIDE ION'
5 non-polymer DI(HYDROXYETHYL)ETHER
6 non-polymer 'POTASSIUM ION'
7 water water
#
_entity_poly.entity_id   1
_entity_poly.type   'polypeptide(L)'
_entity_poly.pdbx_seq_one_letter_code
;MPPADGTSQWLRKTVDSAAVILFSKTTCPYCKKVKDVLAEAKIKHATIELDQLSNGSAIQKCLASFSKIETVPQMFVRGK
FIGDSQTVLKYYSNDELAGIVNESKYDYDLIVIGGGSGGLAAGKEAAKYGAKTAVLDYVEPTPIGTTWGLGGTCVNVGCI
PKKLMHQAGLLSHALEDAEHFGWSLDRSKISHNWSTMVEGVQSHIGSLNWGYKVALRDNQVTYLNAKGRLISPHEVQITD
KNQKVSTITGNKIILATGERPKYPEIPGAVEYGITSDDLFSLPYFPGKTLVIGASYVALECAGFLASLGGDVTVMVRSIL
LRGFDQQMAEKVGDYMENHGVKFAKLCVPDEIKQLKVVDTENNKPGLLLVKGHYTDGKKFEEEFETVIFAVGREPQLSKV
LCETVGVKLDKNGRVVCTDDEQTTVSNVYAIGDINAGKPQLTPVAIQAGRYLARRLFAGATELTDYSNVATTVFTPLEYG
ACGLSEEDAIEKYGDKDIEVYHSNFKPLEWTVAHREDNVCYMKLVCRKSDNMRVLGLHVLGPNAGEITQGYAVAIKMGAT
KADFDRTIGIHPTCSETFTTLHVTKKSGVSPIVSGCUG
;
_entity_poly.pdbx_strand_id   A,B
#
loop_
_chem_comp.id
_chem_comp.type
_chem_comp.name
_chem_comp.formula
CL non-polymer 'CHLORIDE ION' 'Cl -1'
EY7 non-polymer '3-(3-methoxyquinoxalin-2-yl)propanoic acid' 'C12 H12 N2 O3'
FAD non-polymer 'FLAVIN-ADENINE DINUCLEOTIDE' 'C27 H33 N9 O15 P2'
K non-polymer 'POTASSIUM ION' 'K 1'
PEG non-polymer DI(HYDROXYETHYL)ETHER 'C4 H10 O3'
#
# COMPACT_ATOMS: atom_id res chain seq x y z
N GLY A 6 33.66 25.71 9.48
CA GLY A 6 33.40 24.96 8.18
C GLY A 6 32.15 25.46 7.46
N THR A 7 31.87 26.77 7.53
CA THR A 7 30.66 27.40 6.91
C THR A 7 31.05 28.09 5.58
N SER A 8 32.21 28.76 5.52
CA SER A 8 32.60 29.70 4.42
C SER A 8 32.75 28.98 3.07
N GLN A 9 33.11 27.69 3.09
CA GLN A 9 33.24 26.80 1.90
C GLN A 9 31.91 26.79 1.14
N TRP A 10 30.83 26.55 1.89
CA TRP A 10 29.41 26.54 1.45
C TRP A 10 29.00 27.93 0.92
N LEU A 11 29.26 28.97 1.69
CA LEU A 11 28.75 30.34 1.42
C LEU A 11 29.29 30.82 0.06
N ARG A 12 30.60 30.62 -0.20
CA ARG A 12 31.27 30.83 -1.51
C ARG A 12 30.49 30.04 -2.59
N LYS A 13 30.32 28.72 -2.42
CA LYS A 13 29.62 27.82 -3.37
C LYS A 13 28.19 28.34 -3.63
N THR A 14 27.43 28.67 -2.56
CA THR A 14 26.02 29.14 -2.67
C THR A 14 25.94 30.47 -3.43
N VAL A 15 26.62 31.51 -2.94
CA VAL A 15 26.51 32.92 -3.43
C VAL A 15 26.83 32.95 -4.93
N ASP A 16 27.88 32.21 -5.32
CA ASP A 16 28.52 32.29 -6.66
C ASP A 16 27.62 31.57 -7.67
N SER A 17 26.96 30.45 -7.32
CA SER A 17 26.12 29.63 -8.23
C SER A 17 24.62 30.00 -8.19
N ALA A 18 24.15 30.64 -7.12
CA ALA A 18 22.76 31.11 -6.98
C ALA A 18 22.54 32.17 -8.07
N ALA A 19 21.38 32.14 -8.72
CA ALA A 19 20.98 33.12 -9.74
C ALA A 19 20.55 34.40 -9.03
N VAL A 20 19.51 34.24 -8.20
CA VAL A 20 18.90 35.29 -7.35
C VAL A 20 18.60 34.64 -6.00
N ILE A 21 19.19 35.20 -4.92
CA ILE A 21 19.10 34.65 -3.53
C ILE A 21 19.00 35.80 -2.53
N LEU A 22 18.18 35.60 -1.50
CA LEU A 22 17.97 36.57 -0.39
C LEU A 22 18.41 35.92 0.91
N PHE A 23 19.47 36.42 1.54
CA PHE A 23 19.83 36.06 2.93
C PHE A 23 18.89 36.86 3.85
N SER A 24 17.98 36.17 4.53
CA SER A 24 16.74 36.70 5.16
C SER A 24 16.62 36.22 6.61
N LYS A 25 15.52 36.60 7.27
CA LYS A 25 14.94 35.97 8.49
C LYS A 25 13.42 36.02 8.35
N THR A 26 12.73 35.08 9.03
CA THR A 26 11.25 35.00 9.14
C THR A 26 10.72 36.21 9.94
N THR A 27 11.57 36.78 10.80
CA THR A 27 11.26 37.87 11.77
C THR A 27 12.07 39.12 11.43
N CYS A 28 12.15 39.46 10.13
CA CYS A 28 12.84 40.67 9.62
C CYS A 28 11.81 41.49 8.83
N PRO A 29 11.32 42.62 9.38
CA PRO A 29 10.24 43.36 8.74
C PRO A 29 10.64 43.85 7.33
N TYR A 30 11.90 44.28 7.19
CA TYR A 30 12.51 44.80 5.93
C TYR A 30 12.72 43.65 4.94
N CYS A 31 13.03 42.45 5.43
CA CYS A 31 13.13 41.20 4.62
C CYS A 31 11.75 40.88 4.03
N LYS A 32 10.67 41.10 4.79
CA LYS A 32 9.26 40.96 4.28
C LYS A 32 9.02 41.97 3.16
N LYS A 33 9.38 43.25 3.34
CA LYS A 33 9.10 44.30 2.33
C LYS A 33 9.78 43.91 1.00
N VAL A 34 11.05 43.49 1.03
CA VAL A 34 11.85 43.09 -0.18
C VAL A 34 11.14 41.90 -0.86
N LYS A 35 10.81 40.85 -0.11
CA LYS A 35 10.08 39.65 -0.61
C LYS A 35 8.80 40.07 -1.37
N ASP A 36 7.92 40.80 -0.69
CA ASP A 36 6.62 41.32 -1.20
C ASP A 36 6.82 41.97 -2.58
N VAL A 37 7.76 42.93 -2.64
CA VAL A 37 8.11 43.70 -3.87
C VAL A 37 8.56 42.72 -4.97
N LEU A 38 9.55 41.86 -4.69
CA LEU A 38 10.08 40.89 -5.71
C LEU A 38 8.91 40.12 -6.35
N ALA A 39 7.94 39.67 -5.55
CA ALA A 39 6.79 38.83 -6.00
C ALA A 39 5.88 39.63 -6.94
N GLU A 40 5.71 40.92 -6.68
CA GLU A 40 4.93 41.88 -7.50
C GLU A 40 5.63 42.09 -8.85
N ALA A 41 6.95 42.28 -8.86
CA ALA A 41 7.77 42.42 -10.08
C ALA A 41 7.90 41.07 -10.81
N LYS A 42 7.25 40.01 -10.28
CA LYS A 42 7.30 38.61 -10.81
C LYS A 42 8.77 38.12 -10.87
N ILE A 43 9.63 38.60 -9.96
CA ILE A 43 11.07 38.24 -9.88
C ILE A 43 11.20 37.04 -8.93
N LYS A 44 11.44 35.85 -9.46
CA LYS A 44 11.62 34.65 -8.63
C LYS A 44 13.05 34.66 -8.07
N HIS A 45 13.24 34.00 -6.91
CA HIS A 45 14.49 33.97 -6.10
C HIS A 45 14.49 32.82 -5.06
N ALA A 46 15.68 32.34 -4.73
CA ALA A 46 15.99 31.60 -3.51
C ALA A 46 15.88 32.50 -2.26
N THR A 47 15.39 31.91 -1.15
CA THR A 47 15.36 32.56 0.20
C THR A 47 15.98 31.62 1.24
N ILE A 48 17.13 32.00 1.81
CA ILE A 48 17.79 31.29 2.94
C ILE A 48 17.58 32.10 4.23
N GLU A 49 16.81 31.53 5.16
CA GLU A 49 16.39 32.15 6.45
C GLU A 49 17.44 31.78 7.51
N LEU A 50 18.32 32.73 7.88
CA LEU A 50 19.46 32.48 8.82
C LEU A 50 18.94 32.04 10.20
N ASP A 51 17.74 32.49 10.59
CA ASP A 51 17.09 32.23 11.91
C ASP A 51 16.53 30.81 11.97
N GLN A 52 16.61 30.00 10.90
CA GLN A 52 16.15 28.59 10.93
C GLN A 52 17.31 27.64 10.59
N LEU A 53 18.55 28.06 10.81
CA LEU A 53 19.78 27.24 10.59
C LEU A 53 20.64 27.23 11.87
N SER A 54 21.12 26.04 12.25
CA SER A 54 22.11 25.80 13.34
C SER A 54 23.25 26.81 13.26
N ASN A 55 23.69 27.22 12.06
CA ASN A 55 24.97 27.95 11.82
C ASN A 55 24.67 29.41 11.43
N GLY A 56 23.51 29.95 11.83
CA GLY A 56 22.97 31.26 11.39
C GLY A 56 23.93 32.40 11.68
N SER A 57 24.32 32.55 12.95
CA SER A 57 25.30 33.55 13.47
C SER A 57 26.53 33.61 12.55
N ALA A 58 27.12 32.44 12.30
CA ALA A 58 28.40 32.22 11.57
C ALA A 58 28.30 32.77 10.14
N ILE A 59 27.18 32.51 9.46
CA ILE A 59 26.92 32.90 8.04
C ILE A 59 26.79 34.44 7.97
N GLN A 60 26.07 35.08 8.91
CA GLN A 60 25.92 36.56 8.96
C GLN A 60 27.30 37.23 8.95
N LYS A 61 28.19 36.81 9.86
CA LYS A 61 29.57 37.35 10.03
C LYS A 61 30.40 37.05 8.76
N CYS A 62 30.18 35.91 8.09
CA CYS A 62 30.97 35.46 6.90
C CYS A 62 30.53 36.19 5.63
N LEU A 63 29.27 36.64 5.52
CA LEU A 63 28.77 37.44 4.36
C LEU A 63 29.60 38.73 4.19
N ALA A 64 30.14 39.27 5.28
CA ALA A 64 30.98 40.50 5.30
C ALA A 64 32.07 40.47 4.21
N SER A 65 32.62 39.29 3.90
CA SER A 65 33.61 39.05 2.80
C SER A 65 33.08 39.58 1.47
N PHE A 66 31.80 39.29 1.18
CA PHE A 66 31.12 39.50 -0.12
C PHE A 66 30.40 40.85 -0.13
N SER A 67 29.71 41.24 0.95
CA SER A 67 28.80 42.43 1.00
C SER A 67 29.39 43.62 1.76
N LYS A 68 30.38 43.39 2.64
CA LYS A 68 31.05 44.41 3.51
C LYS A 68 30.18 44.76 4.73
N ILE A 69 29.12 43.98 4.97
CA ILE A 69 28.06 44.21 6.02
C ILE A 69 27.51 42.87 6.51
N GLU A 70 26.86 42.84 7.69
CA GLU A 70 26.45 41.59 8.40
C GLU A 70 24.95 41.57 8.68
N THR A 71 24.22 42.61 8.25
CA THR A 71 22.77 42.85 8.46
C THR A 71 21.93 41.95 7.55
N VAL A 72 20.62 41.90 7.75
CA VAL A 72 19.69 41.27 6.76
C VAL A 72 18.62 42.32 6.42
N PRO A 73 18.04 42.29 5.20
CA PRO A 73 18.37 41.31 4.16
C PRO A 73 19.59 41.70 3.31
N GLN A 74 20.06 40.75 2.50
CA GLN A 74 21.17 40.90 1.54
C GLN A 74 20.81 40.10 0.28
N MET A 75 20.61 40.79 -0.82
CA MET A 75 20.24 40.18 -2.13
C MET A 75 21.49 40.08 -3.00
N PHE A 76 21.68 38.90 -3.59
CA PHE A 76 22.77 38.56 -4.52
C PHE A 76 22.18 38.13 -5.87
N VAL A 77 22.91 38.43 -6.94
CA VAL A 77 22.61 38.01 -8.34
C VAL A 77 23.91 37.48 -8.95
N ARG A 78 23.93 36.18 -9.30
CA ARG A 78 25.02 35.51 -10.06
C ARG A 78 26.38 35.91 -9.46
N GLY A 79 26.50 35.77 -8.14
CA GLY A 79 27.76 35.96 -7.39
C GLY A 79 27.99 37.40 -6.91
N LYS A 80 27.18 38.35 -7.34
CA LYS A 80 27.43 39.78 -7.07
C LYS A 80 26.36 40.30 -6.10
N PHE A 81 26.82 40.95 -5.04
CA PHE A 81 26.01 41.71 -4.04
C PHE A 81 25.42 42.95 -4.72
N ILE A 82 24.08 43.06 -4.75
CA ILE A 82 23.36 44.21 -5.39
C ILE A 82 22.79 45.13 -4.30
N GLY A 83 22.38 44.60 -3.12
CA GLY A 83 22.26 45.40 -1.90
C GLY A 83 21.35 44.87 -0.81
N ASP A 84 21.14 45.73 0.22
CA ASP A 84 20.19 45.61 1.34
C ASP A 84 18.78 46.00 0.85
N SER A 85 17.79 46.12 1.74
CA SER A 85 16.39 46.48 1.41
C SER A 85 16.30 47.90 0.81
N GLN A 86 17.09 48.86 1.30
CA GLN A 86 17.02 50.26 0.82
C GLN A 86 17.46 50.32 -0.66
N THR A 87 18.57 49.65 -1.02
CA THR A 87 19.16 49.63 -2.39
C THR A 87 18.20 48.91 -3.37
N VAL A 88 17.59 47.82 -2.92
CA VAL A 88 16.71 47.03 -3.84
C VAL A 88 15.44 47.82 -4.16
N LEU A 89 14.84 48.47 -3.16
CA LEU A 89 13.60 49.27 -3.37
C LEU A 89 13.86 50.41 -4.37
N LYS A 90 15.05 51.02 -4.30
CA LYS A 90 15.48 52.14 -5.18
C LYS A 90 15.35 51.65 -6.62
N TYR A 91 16.18 50.66 -6.97
CA TYR A 91 16.18 50.05 -8.32
C TYR A 91 14.75 49.71 -8.74
N TYR A 92 13.88 49.45 -7.78
CA TYR A 92 12.50 49.07 -8.18
C TYR A 92 11.69 50.28 -8.67
N SER A 93 11.69 51.37 -7.91
CA SER A 93 11.00 52.65 -8.25
C SER A 93 11.68 53.34 -9.45
N ASN A 94 12.92 52.96 -9.78
CA ASN A 94 13.70 53.49 -10.95
C ASN A 94 13.53 52.59 -12.17
N ASP A 95 13.09 51.34 -11.94
CA ASP A 95 12.86 50.26 -12.94
C ASP A 95 14.20 49.71 -13.45
N GLU A 96 15.28 49.89 -12.69
CA GLU A 96 16.60 49.35 -13.10
C GLU A 96 16.80 47.98 -12.46
N LEU A 97 15.95 47.63 -11.50
CA LEU A 97 16.06 46.34 -10.77
C LEU A 97 15.82 45.20 -11.76
N ALA A 98 14.65 45.24 -12.42
CA ALA A 98 14.21 44.22 -13.40
C ALA A 98 15.35 43.85 -14.37
N GLY A 99 16.04 44.83 -14.95
CA GLY A 99 17.18 44.53 -15.83
C GLY A 99 18.45 44.15 -15.08
N ILE A 100 18.50 44.35 -13.77
CA ILE A 100 19.77 44.00 -13.05
C ILE A 100 19.79 42.50 -12.76
N VAL A 101 18.64 41.95 -12.39
CA VAL A 101 18.47 40.51 -12.03
C VAL A 101 18.55 39.64 -13.28
N ASN A 102 18.63 40.22 -14.50
CA ASN A 102 18.75 39.46 -15.78
C ASN A 102 20.21 39.53 -16.29
N GLU A 103 21.02 40.46 -15.80
CA GLU A 103 22.45 40.59 -16.17
C GLU A 103 23.17 39.26 -15.88
N SER A 104 23.67 38.62 -16.94
CA SER A 104 24.41 37.34 -16.90
C SER A 104 25.47 37.30 -18.02
N LYS A 105 26.65 36.80 -17.68
CA LYS A 105 27.73 36.35 -18.61
C LYS A 105 27.13 35.40 -19.66
N TYR A 106 26.27 34.50 -19.21
CA TYR A 106 25.70 33.37 -19.99
C TYR A 106 24.28 33.74 -20.45
N ASP A 107 23.81 33.13 -21.54
CA ASP A 107 22.41 33.25 -22.01
C ASP A 107 21.52 32.68 -20.90
N TYR A 108 22.01 31.66 -20.20
CA TYR A 108 21.23 30.79 -19.28
C TYR A 108 22.06 30.45 -18.04
N ASP A 109 21.42 30.51 -16.87
CA ASP A 109 21.98 30.02 -15.59
C ASP A 109 22.09 28.49 -15.61
N LEU A 110 21.12 27.84 -16.25
CA LEU A 110 21.03 26.36 -16.36
C LEU A 110 20.57 26.01 -17.77
N ILE A 111 21.38 25.22 -18.50
CA ILE A 111 20.89 24.46 -19.68
C ILE A 111 20.76 23.00 -19.25
N VAL A 112 19.59 22.44 -19.53
CA VAL A 112 19.24 21.01 -19.24
C VAL A 112 19.20 20.29 -20.58
N ILE A 113 20.07 19.31 -20.80
CA ILE A 113 20.04 18.57 -22.08
C ILE A 113 19.21 17.30 -21.88
N GLY A 114 17.96 17.31 -22.38
CA GLY A 114 17.06 16.16 -22.25
C GLY A 114 15.84 16.57 -21.48
N GLY A 115 14.67 16.54 -22.13
CA GLY A 115 13.39 16.90 -21.52
C GLY A 115 12.58 15.66 -21.14
N GLY A 116 13.19 14.74 -20.37
CA GLY A 116 12.48 13.56 -19.86
C GLY A 116 12.10 13.71 -18.40
N SER A 117 12.16 12.63 -17.62
CA SER A 117 11.65 12.60 -16.24
C SER A 117 12.50 13.51 -15.37
N GLY A 118 13.83 13.36 -15.40
CA GLY A 118 14.77 14.14 -14.58
C GLY A 118 14.93 15.55 -15.09
N GLY A 119 15.19 15.72 -16.40
CA GLY A 119 15.37 17.04 -17.05
C GLY A 119 14.23 17.98 -16.71
N LEU A 120 12.99 17.60 -17.01
CA LEU A 120 11.79 18.49 -16.83
C LEU A 120 11.66 18.87 -15.35
N ALA A 121 11.95 17.92 -14.45
CA ALA A 121 11.80 18.09 -13.01
C ALA A 121 12.81 19.12 -12.52
N ALA A 122 14.04 18.97 -13.00
CA ALA A 122 15.21 19.74 -12.56
C ALA A 122 15.15 21.13 -13.16
N GLY A 123 14.56 21.28 -14.35
CA GLY A 123 14.39 22.58 -15.01
C GLY A 123 13.34 23.41 -14.31
N LYS A 124 12.16 22.81 -14.06
CA LYS A 124 11.01 23.47 -13.40
C LYS A 124 11.45 23.93 -12.02
N GLU A 125 12.23 23.12 -11.31
CA GLU A 125 12.69 23.45 -9.92
C GLU A 125 13.70 24.61 -9.98
N ALA A 126 14.57 24.65 -10.98
CA ALA A 126 15.64 25.67 -11.06
C ALA A 126 14.96 27.02 -11.24
N ALA A 127 14.00 27.07 -12.17
CA ALA A 127 13.20 28.28 -12.51
C ALA A 127 12.44 28.78 -11.29
N LYS A 128 12.01 27.92 -10.36
CA LYS A 128 11.31 28.39 -9.13
C LYS A 128 12.23 29.35 -8.35
N TYR A 129 13.55 29.15 -8.39
CA TYR A 129 14.56 29.92 -7.61
C TYR A 129 15.35 30.90 -8.51
N GLY A 130 14.71 31.35 -9.61
CA GLY A 130 15.13 32.51 -10.42
C GLY A 130 16.12 32.17 -11.52
N ALA A 131 16.37 30.88 -11.77
CA ALA A 131 17.41 30.43 -12.71
C ALA A 131 16.90 30.64 -14.13
N LYS A 132 17.65 31.39 -14.94
CA LYS A 132 17.36 31.55 -16.39
C LYS A 132 17.61 30.17 -17.01
N THR A 133 16.55 29.43 -17.31
CA THR A 133 16.64 27.97 -17.64
C THR A 133 16.21 27.68 -19.09
N ALA A 134 16.89 26.70 -19.70
CA ALA A 134 16.57 26.12 -21.02
C ALA A 134 16.47 24.60 -20.87
N VAL A 135 15.38 24.01 -21.33
CA VAL A 135 15.34 22.55 -21.58
C VAL A 135 15.41 22.28 -23.09
N LEU A 136 16.39 21.47 -23.50
CA LEU A 136 16.52 20.94 -24.88
C LEU A 136 15.93 19.53 -24.87
N ASP A 137 15.02 19.22 -25.79
CA ASP A 137 14.58 17.82 -26.00
C ASP A 137 14.53 17.50 -27.49
N TYR A 138 15.02 16.32 -27.82
CA TYR A 138 14.96 15.81 -29.20
C TYR A 138 14.77 14.31 -29.11
N VAL A 139 13.76 13.81 -29.80
CA VAL A 139 13.48 12.37 -29.88
C VAL A 139 13.96 11.90 -31.26
N GLU A 140 15.14 11.31 -31.28
CA GLU A 140 15.65 10.66 -32.50
C GLU A 140 14.72 9.50 -32.82
N PRO A 141 14.28 9.40 -34.08
CA PRO A 141 13.38 8.33 -34.46
C PRO A 141 14.00 6.93 -34.39
N THR A 142 13.17 5.95 -34.11
CA THR A 142 13.45 4.51 -34.19
C THR A 142 13.69 4.16 -35.65
N PRO A 143 14.37 3.04 -35.94
CA PRO A 143 14.55 2.61 -37.33
C PRO A 143 13.32 2.64 -38.27
N ILE A 144 12.10 2.34 -37.80
CA ILE A 144 10.85 2.35 -38.64
C ILE A 144 10.26 3.76 -38.72
N GLY A 145 10.83 4.74 -38.01
CA GLY A 145 10.41 6.17 -38.11
C GLY A 145 9.69 6.69 -36.87
N THR A 146 9.33 5.87 -35.91
CA THR A 146 8.49 6.30 -34.78
C THR A 146 9.16 7.45 -34.02
N THR A 147 8.38 8.47 -33.66
CA THR A 147 8.85 9.64 -32.85
C THR A 147 7.71 10.10 -31.91
N TRP A 148 7.92 11.10 -31.06
CA TRP A 148 6.94 11.47 -30.00
C TRP A 148 7.33 12.81 -29.37
N GLY A 149 6.47 13.31 -28.50
CA GLY A 149 6.58 14.66 -27.92
C GLY A 149 7.40 14.71 -26.65
N LEU A 150 7.48 15.93 -26.11
CA LEU A 150 8.11 16.24 -24.79
C LEU A 150 7.64 15.27 -23.73
N GLY A 151 8.54 14.80 -22.88
CA GLY A 151 8.14 14.00 -21.71
C GLY A 151 9.16 12.96 -21.31
N GLY A 152 9.93 12.43 -22.27
CA GLY A 152 10.89 11.36 -21.99
C GLY A 152 10.28 9.99 -22.21
N THR A 153 11.01 8.98 -21.76
CA THR A 153 10.76 7.55 -21.99
C THR A 153 9.49 7.16 -21.25
N CYS A 154 9.36 7.58 -19.99
CA CYS A 154 8.28 7.17 -19.06
C CYS A 154 6.92 7.63 -19.62
N VAL A 155 6.84 8.92 -19.95
CA VAL A 155 5.62 9.59 -20.45
C VAL A 155 5.18 8.96 -21.77
N ASN A 156 6.09 8.80 -22.73
CA ASN A 156 5.73 8.50 -24.14
C ASN A 156 5.80 7.01 -24.45
N VAL A 157 6.78 6.30 -23.87
CA VAL A 157 7.14 4.91 -24.30
C VAL A 157 7.53 4.07 -23.07
N GLY A 158 6.97 4.35 -21.92
CA GLY A 158 7.39 3.68 -20.68
C GLY A 158 6.27 3.50 -19.69
N CYS A 159 6.44 4.03 -18.47
CA CYS A 159 5.60 3.73 -17.29
C CYS A 159 4.14 3.99 -17.66
N ILE A 160 3.83 5.16 -18.26
CA ILE A 160 2.44 5.64 -18.58
C ILE A 160 1.77 4.70 -19.57
N PRO A 161 2.22 4.56 -20.83
CA PRO A 161 1.52 3.70 -21.76
C PRO A 161 1.50 2.23 -21.28
N LYS A 162 2.59 1.75 -20.68
CA LYS A 162 2.71 0.31 -20.36
C LYS A 162 1.73 0.02 -19.23
N LYS A 163 1.60 0.87 -18.23
CA LYS A 163 0.62 0.59 -17.15
C LYS A 163 -0.81 0.69 -17.72
N LEU A 164 -1.09 1.61 -18.66
CA LEU A 164 -2.46 1.77 -19.20
C LEU A 164 -2.79 0.50 -19.96
N MET A 165 -1.83 -0.09 -20.65
CA MET A 165 -2.08 -1.31 -21.42
C MET A 165 -2.23 -2.49 -20.43
N HIS A 166 -1.50 -2.42 -19.33
CA HIS A 166 -1.56 -3.41 -18.23
C HIS A 166 -2.97 -3.41 -17.67
N GLN A 167 -3.50 -2.22 -17.48
CA GLN A 167 -4.90 -1.97 -17.02
C GLN A 167 -5.84 -2.58 -18.05
N ALA A 168 -5.60 -2.38 -19.34
CA ALA A 168 -6.40 -3.02 -20.41
C ALA A 168 -6.44 -4.53 -20.17
N GLY A 169 -5.29 -5.05 -19.76
CA GLY A 169 -5.05 -6.48 -19.50
C GLY A 169 -5.87 -6.96 -18.33
N LEU A 170 -5.77 -6.31 -17.18
CA LEU A 170 -6.45 -6.72 -15.95
C LEU A 170 -7.97 -6.63 -16.13
N LEU A 171 -8.47 -5.67 -16.92
CA LEU A 171 -9.94 -5.53 -17.10
C LEU A 171 -10.50 -6.80 -17.72
N SER A 172 -9.69 -7.54 -18.46
N SER A 172 -9.69 -7.54 -18.46
CA SER A 172 -10.06 -8.86 -19.01
CA SER A 172 -10.07 -8.87 -19.01
C SER A 172 -10.55 -9.77 -17.88
C SER A 172 -10.55 -9.78 -17.87
N HIS A 173 -9.82 -9.78 -16.76
CA HIS A 173 -10.06 -10.72 -15.63
C HIS A 173 -11.29 -10.20 -14.89
N ALA A 174 -11.38 -8.90 -14.72
CA ALA A 174 -12.57 -8.18 -14.23
C ALA A 174 -13.82 -8.60 -15.02
N LEU A 175 -13.76 -8.75 -16.33
CA LEU A 175 -14.91 -9.23 -17.10
C LEU A 175 -15.24 -10.66 -16.68
N GLU A 176 -14.23 -11.53 -16.58
CA GLU A 176 -14.34 -12.92 -16.02
C GLU A 176 -14.97 -12.85 -14.62
N ASP A 177 -14.34 -12.13 -13.68
CA ASP A 177 -14.76 -12.04 -12.27
C ASP A 177 -16.22 -11.58 -12.17
N ALA A 178 -16.64 -10.61 -12.99
CA ALA A 178 -18.03 -10.06 -12.99
C ALA A 178 -19.09 -11.18 -13.11
N GLU A 179 -18.97 -12.12 -14.04
CA GLU A 179 -20.03 -13.17 -14.14
C GLU A 179 -20.27 -13.86 -12.80
N HIS A 180 -19.19 -14.19 -12.08
CA HIS A 180 -19.22 -14.95 -10.79
C HIS A 180 -19.82 -14.07 -9.69
N PHE A 181 -19.53 -12.76 -9.71
CA PHE A 181 -20.09 -11.79 -8.75
C PHE A 181 -21.51 -11.37 -9.16
N GLY A 182 -22.11 -12.01 -10.16
CA GLY A 182 -23.56 -11.94 -10.39
C GLY A 182 -23.96 -11.08 -11.57
N TRP A 183 -22.99 -10.56 -12.31
CA TRP A 183 -23.23 -9.67 -13.48
C TRP A 183 -23.53 -10.52 -14.71
N SER A 184 -24.46 -10.05 -15.55
CA SER A 184 -25.05 -10.80 -16.68
C SER A 184 -24.41 -10.37 -18.01
N LEU A 185 -23.09 -10.51 -18.14
CA LEU A 185 -22.36 -10.25 -19.40
C LEU A 185 -21.74 -11.57 -19.88
N ASP A 186 -21.64 -11.73 -21.20
CA ASP A 186 -21.08 -12.94 -21.84
C ASP A 186 -19.62 -12.68 -22.29
N ARG A 187 -18.69 -12.89 -21.34
CA ARG A 187 -17.21 -12.66 -21.50
C ARG A 187 -16.72 -13.39 -22.75
N SER A 188 -17.30 -14.54 -23.08
CA SER A 188 -16.93 -15.36 -24.26
C SER A 188 -17.16 -14.58 -25.56
N LYS A 189 -18.16 -13.67 -25.62
CA LYS A 189 -18.50 -12.86 -26.85
C LYS A 189 -18.01 -11.41 -26.71
N ILE A 190 -16.87 -11.22 -26.06
CA ILE A 190 -16.23 -9.89 -25.84
C ILE A 190 -14.79 -9.99 -26.30
N SER A 191 -14.47 -9.23 -27.34
CA SER A 191 -13.12 -9.13 -27.93
C SER A 191 -12.57 -7.73 -27.65
N HIS A 192 -11.28 -7.58 -27.93
CA HIS A 192 -10.51 -6.36 -27.67
C HIS A 192 -10.10 -5.73 -29.00
N ASN A 193 -10.20 -4.41 -29.08
CA ASN A 193 -9.84 -3.63 -30.27
C ASN A 193 -8.53 -2.92 -29.94
N TRP A 194 -7.42 -3.37 -30.50
CA TRP A 194 -6.12 -2.73 -30.23
C TRP A 194 -6.15 -1.25 -30.63
N SER A 195 -6.66 -0.92 -31.81
CA SER A 195 -6.65 0.49 -32.27
CA SER A 195 -6.69 0.49 -32.30
C SER A 195 -7.41 1.41 -31.31
N THR A 196 -8.62 1.03 -30.86
CA THR A 196 -9.38 1.82 -29.86
C THR A 196 -8.49 2.11 -28.66
N MET A 197 -7.88 1.06 -28.12
CA MET A 197 -6.99 1.16 -26.94
C MET A 197 -5.82 2.15 -27.22
N VAL A 198 -5.11 2.00 -28.34
CA VAL A 198 -3.90 2.82 -28.64
C VAL A 198 -4.33 4.29 -28.84
N GLU A 199 -5.47 4.51 -29.48
CA GLU A 199 -6.11 5.84 -29.66
C GLU A 199 -6.22 6.52 -28.29
N GLY A 200 -6.78 5.82 -27.30
CA GLY A 200 -6.98 6.34 -25.92
C GLY A 200 -5.67 6.61 -25.20
N VAL A 201 -4.73 5.67 -25.27
CA VAL A 201 -3.37 5.82 -24.67
C VAL A 201 -2.64 7.01 -25.31
N GLN A 202 -2.68 7.10 -26.63
CA GLN A 202 -1.95 8.18 -27.36
C GLN A 202 -2.58 9.54 -27.04
N SER A 203 -3.90 9.58 -27.00
CA SER A 203 -4.69 10.75 -26.63
C SER A 203 -4.15 11.32 -25.30
N HIS A 204 -4.03 10.45 -24.29
CA HIS A 204 -3.54 10.86 -22.95
C HIS A 204 -2.09 11.34 -23.06
N ILE A 205 -1.21 10.63 -23.77
CA ILE A 205 0.22 11.04 -23.94
C ILE A 205 0.27 12.42 -24.63
N GLY A 206 -0.50 12.60 -25.70
CA GLY A 206 -0.57 13.88 -26.42
C GLY A 206 -0.89 15.02 -25.47
N SER A 207 -1.85 14.80 -24.57
CA SER A 207 -2.19 15.81 -23.54
C SER A 207 -1.05 15.93 -22.51
N LEU A 208 -0.32 14.87 -22.11
CA LEU A 208 0.92 15.03 -21.27
C LEU A 208 2.00 15.82 -22.03
N ASN A 209 2.21 15.53 -23.32
CA ASN A 209 3.17 16.30 -24.15
C ASN A 209 2.87 17.80 -23.97
N TRP A 210 1.65 18.23 -24.24
CA TRP A 210 1.26 19.67 -24.22
C TRP A 210 1.32 20.19 -22.76
N GLY A 211 0.81 19.39 -21.83
CA GLY A 211 0.96 19.65 -20.39
C GLY A 211 2.38 20.04 -20.04
N TYR A 212 3.37 19.31 -20.55
CA TYR A 212 4.77 19.57 -20.17
C TYR A 212 5.23 20.84 -20.86
N LYS A 213 4.89 21.01 -22.14
CA LYS A 213 5.20 22.26 -22.91
C LYS A 213 4.79 23.51 -22.09
N VAL A 214 3.58 23.49 -21.57
CA VAL A 214 2.97 24.62 -20.80
C VAL A 214 3.60 24.75 -19.42
N ALA A 215 3.82 23.66 -18.70
CA ALA A 215 4.53 23.69 -17.39
C ALA A 215 5.83 24.51 -17.52
N LEU A 216 6.55 24.27 -18.63
CA LEU A 216 7.81 24.98 -18.93
C LEU A 216 7.49 26.46 -19.20
N ARG A 217 6.57 26.74 -20.12
CA ARG A 217 6.16 28.13 -20.48
C ARG A 217 5.73 28.88 -19.20
N ASP A 218 4.79 28.32 -18.44
CA ASP A 218 4.26 28.85 -17.15
C ASP A 218 5.42 29.27 -16.24
N ASN A 219 6.44 28.43 -16.04
CA ASN A 219 7.54 28.73 -15.10
C ASN A 219 8.69 29.51 -15.79
N GLN A 220 8.47 30.22 -16.91
CA GLN A 220 9.48 30.96 -17.73
C GLN A 220 10.74 30.11 -18.00
N VAL A 221 10.55 28.85 -18.37
CA VAL A 221 11.63 27.98 -18.91
C VAL A 221 11.54 27.99 -20.43
N THR A 222 12.68 28.19 -21.09
CA THR A 222 12.83 28.26 -22.56
C THR A 222 12.96 26.82 -23.07
N TYR A 223 11.88 26.24 -23.61
CA TYR A 223 11.90 24.91 -24.27
C TYR A 223 12.41 25.08 -25.71
N LEU A 224 13.46 24.36 -26.10
CA LEU A 224 13.86 24.23 -27.53
C LEU A 224 13.77 22.76 -27.93
N ASN A 225 12.99 22.45 -28.95
CA ASN A 225 12.92 21.13 -29.60
C ASN A 225 14.17 21.02 -30.48
N ALA A 226 15.28 20.59 -29.89
CA ALA A 226 16.59 20.62 -30.56
C ALA A 226 17.51 19.55 -29.96
N LYS A 227 18.34 18.93 -30.79
CA LYS A 227 19.47 18.06 -30.35
C LYS A 227 20.54 18.99 -29.78
N GLY A 228 20.85 18.81 -28.50
CA GLY A 228 21.94 19.52 -27.81
C GLY A 228 23.21 18.69 -27.78
N ARG A 229 24.35 19.37 -27.83
CA ARG A 229 25.69 18.74 -27.82
C ARG A 229 26.64 19.68 -27.09
N LEU A 230 27.28 19.19 -26.03
CA LEU A 230 28.21 19.94 -25.15
C LEU A 230 29.60 20.00 -25.82
N ILE A 231 29.96 21.12 -26.42
CA ILE A 231 31.23 21.26 -27.18
C ILE A 231 32.31 21.84 -26.27
N SER A 232 31.92 22.38 -25.11
CA SER A 232 32.82 22.81 -24.00
C SER A 232 31.99 23.06 -22.74
N PRO A 233 32.62 23.32 -21.58
CA PRO A 233 31.91 23.29 -20.29
C PRO A 233 30.74 24.26 -20.16
N HIS A 234 30.72 25.40 -20.87
CA HIS A 234 29.62 26.40 -20.81
C HIS A 234 28.91 26.56 -22.16
N GLU A 235 29.50 26.08 -23.26
CA GLU A 235 28.94 26.18 -24.64
C GLU A 235 28.12 24.91 -24.93
N VAL A 236 26.88 25.06 -25.38
CA VAL A 236 26.05 23.93 -25.91
C VAL A 236 25.73 24.23 -27.37
N GLN A 237 26.06 23.29 -28.27
CA GLN A 237 25.76 23.40 -29.72
C GLN A 237 24.39 22.79 -29.98
N ILE A 238 23.42 23.59 -30.42
CA ILE A 238 22.05 23.08 -30.69
C ILE A 238 21.83 22.96 -32.21
N THR A 239 20.99 21.98 -32.61
CA THR A 239 20.64 21.65 -34.01
C THR A 239 19.12 21.45 -34.11
N ASP A 240 18.37 22.40 -34.71
CA ASP A 240 16.88 22.37 -34.70
C ASP A 240 16.37 21.47 -35.85
N LYS A 241 15.04 21.36 -36.01
CA LYS A 241 14.36 20.48 -37.01
C LYS A 241 14.79 20.86 -38.44
N ASN A 242 15.29 22.08 -38.64
CA ASN A 242 15.71 22.58 -39.97
C ASN A 242 17.22 22.37 -40.17
N GLN A 243 17.92 21.73 -39.22
CA GLN A 243 19.41 21.55 -39.27
C GLN A 243 20.17 22.88 -39.08
N LYS A 244 19.50 23.93 -38.55
CA LYS A 244 20.09 25.27 -38.24
C LYS A 244 20.86 25.17 -36.92
N VAL A 245 22.20 25.31 -37.01
CA VAL A 245 23.18 24.99 -35.93
C VAL A 245 23.65 26.29 -35.29
N SER A 246 23.20 26.58 -34.07
CA SER A 246 23.62 27.76 -33.27
C SER A 246 24.25 27.30 -31.95
N THR A 247 24.83 28.24 -31.18
CA THR A 247 25.45 28.02 -29.84
C THR A 247 24.70 28.84 -28.78
N ILE A 248 24.53 28.28 -27.60
CA ILE A 248 24.00 29.00 -26.40
C ILE A 248 24.87 28.63 -25.21
N THR A 249 25.13 29.63 -24.36
CA THR A 249 26.03 29.54 -23.18
C THR A 249 25.21 29.25 -21.92
N GLY A 250 25.74 28.44 -21.01
CA GLY A 250 25.13 28.16 -19.70
C GLY A 250 26.13 28.06 -18.57
N ASN A 251 25.73 28.47 -17.35
CA ASN A 251 26.59 28.41 -16.14
C ASN A 251 26.67 26.97 -15.68
N LYS A 252 25.54 26.37 -15.35
CA LYS A 252 25.47 24.95 -14.92
C LYS A 252 24.78 24.15 -16.02
N ILE A 253 25.32 22.97 -16.33
CA ILE A 253 24.84 22.07 -17.40
C ILE A 253 24.37 20.78 -16.72
N ILE A 254 23.11 20.41 -16.91
CA ILE A 254 22.64 19.11 -16.38
C ILE A 254 22.40 18.18 -17.57
N LEU A 255 23.13 17.06 -17.62
CA LEU A 255 22.94 16.05 -18.68
C LEU A 255 21.82 15.16 -18.19
N ALA A 256 20.80 14.94 -19.02
CA ALA A 256 19.61 14.19 -18.62
C ALA A 256 19.01 13.49 -19.84
N THR A 257 19.87 12.86 -20.66
CA THR A 257 19.57 12.41 -22.05
C THR A 257 18.97 11.00 -22.08
N GLY A 258 19.07 10.26 -20.98
CA GLY A 258 18.50 8.90 -20.85
C GLY A 258 19.09 7.91 -21.83
N GLU A 259 18.34 6.86 -22.13
CA GLU A 259 18.79 5.66 -22.86
C GLU A 259 17.78 5.33 -23.97
N ARG A 260 18.17 4.44 -24.89
CA ARG A 260 17.29 3.93 -25.97
C ARG A 260 17.50 2.43 -26.02
N PRO A 261 16.54 1.66 -26.60
CA PRO A 261 16.64 0.19 -26.63
C PRO A 261 17.85 -0.29 -27.42
N LYS A 262 18.54 -1.30 -26.89
CA LYS A 262 19.57 -2.08 -27.63
C LYS A 262 18.86 -3.04 -28.60
N TYR A 263 19.53 -3.35 -29.70
CA TYR A 263 19.17 -4.43 -30.64
C TYR A 263 20.30 -5.46 -30.65
N PRO A 264 19.99 -6.77 -30.70
CA PRO A 264 21.04 -7.77 -30.86
C PRO A 264 21.72 -7.57 -32.23
N GLU A 265 23.03 -7.79 -32.30
CA GLU A 265 23.81 -7.72 -33.56
C GLU A 265 23.63 -9.01 -34.35
N ILE A 266 22.46 -9.18 -34.96
CA ILE A 266 22.09 -10.34 -35.82
C ILE A 266 21.34 -9.79 -37.03
N PRO A 267 21.41 -10.44 -38.21
CA PRO A 267 20.78 -9.90 -39.42
C PRO A 267 19.27 -9.82 -39.22
N GLY A 268 18.65 -8.73 -39.65
CA GLY A 268 17.18 -8.58 -39.67
C GLY A 268 16.60 -7.94 -38.43
N ALA A 269 17.39 -7.76 -37.37
CA ALA A 269 16.89 -7.26 -36.07
C ALA A 269 16.35 -5.85 -36.28
N VAL A 270 17.21 -4.95 -36.73
CA VAL A 270 16.88 -3.50 -36.93
C VAL A 270 15.82 -3.39 -38.03
N GLU A 271 15.88 -4.19 -39.08
CA GLU A 271 15.02 -4.05 -40.30
C GLU A 271 13.59 -4.52 -40.01
N TYR A 272 13.43 -5.66 -39.33
CA TYR A 272 12.18 -6.47 -39.34
C TYR A 272 11.46 -6.51 -37.98
N GLY A 273 12.18 -6.23 -36.91
CA GLY A 273 11.65 -6.24 -35.54
C GLY A 273 11.60 -4.85 -34.94
N ILE A 274 11.01 -4.73 -33.76
CA ILE A 274 10.64 -3.43 -33.12
C ILE A 274 11.11 -3.52 -31.67
N THR A 275 10.99 -2.40 -30.93
CA THR A 275 11.13 -2.38 -29.45
C THR A 275 9.91 -1.75 -28.79
N SER A 276 9.98 -1.61 -27.46
CA SER A 276 9.06 -0.80 -26.62
C SER A 276 8.83 0.55 -27.28
N ASP A 277 9.87 1.17 -27.86
CA ASP A 277 9.73 2.52 -28.47
C ASP A 277 8.58 2.53 -29.49
N ASP A 278 8.39 1.44 -30.25
CA ASP A 278 7.43 1.35 -31.39
C ASP A 278 6.09 0.76 -30.94
N LEU A 279 6.12 -0.06 -29.89
CA LEU A 279 4.95 -0.86 -29.44
C LEU A 279 3.80 0.06 -29.05
N PHE A 280 4.08 1.09 -28.26
CA PHE A 280 3.06 1.88 -27.54
C PHE A 280 2.31 2.82 -28.48
N SER A 281 2.69 2.93 -29.75
CA SER A 281 1.95 3.70 -30.79
C SER A 281 1.67 2.79 -31.98
N LEU A 282 1.91 1.50 -31.84
CA LEU A 282 1.83 0.56 -32.99
C LEU A 282 0.43 0.59 -33.58
N PRO A 283 0.25 0.94 -34.87
CA PRO A 283 -1.10 1.16 -35.39
C PRO A 283 -1.97 -0.09 -35.58
N TYR A 284 -1.37 -1.27 -35.68
CA TYR A 284 -2.04 -2.60 -35.83
C TYR A 284 -1.73 -3.43 -34.59
N PHE A 285 -2.58 -4.42 -34.29
CA PHE A 285 -2.29 -5.43 -33.23
C PHE A 285 -1.03 -6.20 -33.64
N PRO A 286 -0.02 -6.40 -32.75
CA PRO A 286 1.15 -7.24 -33.07
C PRO A 286 0.81 -8.67 -33.51
N GLY A 287 -0.30 -9.21 -33.03
CA GLY A 287 -0.70 -10.58 -33.41
C GLY A 287 0.25 -11.55 -32.76
N LYS A 288 0.54 -12.67 -33.42
CA LYS A 288 1.44 -13.70 -32.85
C LYS A 288 2.81 -13.06 -32.66
N THR A 289 3.25 -12.92 -31.41
CA THR A 289 4.40 -12.09 -31.02
C THR A 289 5.45 -12.95 -30.33
N LEU A 290 6.73 -12.69 -30.61
CA LEU A 290 7.90 -13.17 -29.84
C LEU A 290 8.54 -11.97 -29.15
N VAL A 291 8.68 -12.03 -27.82
CA VAL A 291 9.49 -11.06 -27.03
C VAL A 291 10.83 -11.74 -26.74
N ILE A 292 11.91 -11.15 -27.22
CA ILE A 292 13.30 -11.60 -26.96
C ILE A 292 13.79 -10.77 -25.77
N GLY A 293 14.18 -11.41 -24.66
CA GLY A 293 14.57 -10.71 -23.43
C GLY A 293 13.67 -11.11 -22.26
N ALA A 294 14.08 -10.80 -21.04
CA ALA A 294 13.53 -11.39 -19.80
C ALA A 294 13.54 -10.35 -18.70
N SER A 295 13.75 -9.09 -19.04
CA SER A 295 13.72 -7.95 -18.10
C SER A 295 12.25 -7.60 -17.73
N TYR A 296 12.03 -6.65 -16.82
CA TYR A 296 10.64 -6.25 -16.49
C TYR A 296 9.91 -5.77 -17.74
N VAL A 297 10.59 -5.12 -18.67
CA VAL A 297 9.94 -4.63 -19.92
C VAL A 297 9.41 -5.83 -20.71
N ALA A 298 10.21 -6.86 -20.90
CA ALA A 298 9.83 -7.98 -21.77
C ALA A 298 8.57 -8.69 -21.24
N LEU A 299 8.49 -8.95 -19.94
CA LEU A 299 7.44 -9.76 -19.31
C LEU A 299 6.17 -8.91 -19.12
N GLU A 300 6.35 -7.62 -18.80
CA GLU A 300 5.29 -6.60 -18.77
C GLU A 300 4.60 -6.58 -20.14
N CYS A 301 5.38 -6.47 -21.21
CA CYS A 301 4.78 -6.37 -22.55
C CYS A 301 4.14 -7.71 -22.93
N ALA A 302 4.84 -8.84 -22.68
CA ALA A 302 4.31 -10.17 -23.02
C ALA A 302 2.97 -10.39 -22.29
N GLY A 303 2.91 -10.04 -21.02
CA GLY A 303 1.73 -10.19 -20.14
C GLY A 303 0.50 -9.48 -20.67
N PHE A 304 0.63 -8.19 -21.01
CA PHE A 304 -0.56 -7.43 -21.47
C PHE A 304 -0.96 -7.92 -22.86
N LEU A 305 -0.02 -8.24 -23.77
CA LEU A 305 -0.37 -8.70 -25.14
C LEU A 305 -1.22 -9.98 -25.04
N ALA A 306 -0.89 -10.87 -24.11
CA ALA A 306 -1.50 -12.21 -23.99
C ALA A 306 -2.92 -12.02 -23.45
N SER A 307 -3.06 -11.13 -22.47
CA SER A 307 -4.35 -10.79 -21.83
C SER A 307 -5.30 -10.13 -22.85
N LEU A 308 -4.79 -9.52 -23.91
CA LEU A 308 -5.59 -8.93 -25.02
C LEU A 308 -5.73 -9.95 -26.18
N GLY A 309 -5.71 -11.27 -25.88
CA GLY A 309 -5.91 -12.38 -26.85
C GLY A 309 -4.76 -12.57 -27.86
N GLY A 310 -3.56 -12.13 -27.56
CA GLY A 310 -2.39 -12.36 -28.43
C GLY A 310 -1.82 -13.74 -28.21
N ASP A 311 -1.08 -14.23 -29.18
CA ASP A 311 -0.35 -15.51 -29.13
C ASP A 311 1.10 -15.16 -28.81
N VAL A 312 1.49 -15.24 -27.54
CA VAL A 312 2.77 -14.62 -27.08
C VAL A 312 3.81 -15.66 -26.60
N THR A 313 5.03 -15.55 -27.10
CA THR A 313 6.18 -16.38 -26.69
C THR A 313 7.31 -15.47 -26.22
N VAL A 314 7.97 -15.81 -25.12
CA VAL A 314 9.14 -15.08 -24.57
C VAL A 314 10.39 -15.97 -24.75
N MET A 315 11.43 -15.46 -25.39
CA MET A 315 12.72 -16.18 -25.59
C MET A 315 13.69 -15.68 -24.54
N VAL A 316 14.12 -16.55 -23.62
CA VAL A 316 14.93 -16.18 -22.42
C VAL A 316 16.34 -16.74 -22.55
N ARG A 317 17.36 -15.88 -22.57
CA ARG A 317 18.81 -16.26 -22.72
CA ARG A 317 18.81 -16.24 -22.71
C ARG A 317 19.27 -17.08 -21.50
N SER A 318 19.01 -16.58 -20.30
CA SER A 318 19.36 -17.32 -19.07
C SER A 318 18.19 -17.35 -18.09
N ILE A 319 17.90 -16.23 -17.42
CA ILE A 319 16.92 -16.19 -16.30
C ILE A 319 15.96 -15.00 -16.48
N LEU A 320 14.85 -15.06 -15.74
CA LEU A 320 13.83 -13.99 -15.71
C LEU A 320 14.26 -12.96 -14.67
N LEU A 321 13.97 -11.68 -14.96
CA LEU A 321 14.23 -10.49 -14.09
C LEU A 321 15.62 -10.65 -13.43
N ARG A 322 16.68 -10.78 -14.22
CA ARG A 322 18.05 -10.75 -13.66
C ARG A 322 18.14 -9.50 -12.81
N GLY A 323 18.73 -9.58 -11.61
CA GLY A 323 18.89 -8.48 -10.64
C GLY A 323 17.82 -8.47 -9.57
N PHE A 324 16.73 -9.21 -9.76
CA PHE A 324 15.62 -9.31 -8.78
C PHE A 324 15.72 -10.66 -8.06
N ASP A 325 15.16 -10.72 -6.86
CA ASP A 325 15.00 -11.98 -6.09
C ASP A 325 14.47 -13.06 -7.03
N GLN A 326 15.18 -14.17 -7.18
CA GLN A 326 14.90 -15.17 -8.24
C GLN A 326 13.76 -16.10 -7.82
N GLN A 327 13.46 -16.25 -6.54
CA GLN A 327 12.30 -17.04 -6.09
C GLN A 327 11.07 -16.31 -6.62
N MET A 328 11.06 -14.99 -6.46
CA MET A 328 9.90 -14.16 -6.83
C MET A 328 9.88 -14.11 -8.36
N ALA A 329 11.04 -14.01 -9.01
CA ALA A 329 11.11 -13.97 -10.49
C ALA A 329 10.49 -15.26 -11.05
N GLU A 330 10.83 -16.40 -10.46
CA GLU A 330 10.34 -17.71 -10.92
C GLU A 330 8.83 -17.74 -10.67
N LYS A 331 8.32 -17.17 -9.58
CA LYS A 331 6.87 -17.23 -9.30
C LYS A 331 6.12 -16.36 -10.31
N VAL A 332 6.67 -15.18 -10.64
CA VAL A 332 6.12 -14.29 -11.68
C VAL A 332 6.01 -15.09 -12.99
N GLY A 333 7.09 -15.71 -13.43
CA GLY A 333 7.13 -16.47 -14.69
C GLY A 333 6.11 -17.61 -14.69
N ASP A 334 5.98 -18.34 -13.56
CA ASP A 334 5.09 -19.53 -13.48
C ASP A 334 3.66 -19.01 -13.66
N TYR A 335 3.35 -17.88 -13.07
CA TYR A 335 2.00 -17.30 -13.21
C TYR A 335 1.72 -17.12 -14.71
N MET A 336 2.58 -16.36 -15.40
CA MET A 336 2.44 -16.04 -16.86
C MET A 336 2.34 -17.33 -17.67
N GLU A 337 3.14 -18.33 -17.33
CA GLU A 337 3.10 -19.63 -18.02
C GLU A 337 1.76 -20.34 -17.79
N ASN A 338 1.16 -20.30 -16.59
CA ASN A 338 -0.15 -21.01 -16.38
C ASN A 338 -1.26 -20.13 -16.92
N HIS A 339 -0.98 -18.91 -17.37
CA HIS A 339 -2.01 -17.95 -17.85
C HIS A 339 -1.68 -17.54 -19.29
N GLY A 340 -1.29 -18.43 -20.17
CA GLY A 340 -1.31 -18.15 -21.62
C GLY A 340 -0.03 -17.64 -22.25
N VAL A 341 1.02 -17.31 -21.51
CA VAL A 341 2.29 -16.86 -22.14
C VAL A 341 3.18 -18.09 -22.23
N LYS A 342 3.74 -18.36 -23.40
CA LYS A 342 4.72 -19.46 -23.61
C LYS A 342 6.14 -18.93 -23.40
N PHE A 343 7.05 -19.79 -22.94
CA PHE A 343 8.50 -19.50 -22.82
C PHE A 343 9.34 -20.52 -23.59
N ALA A 344 10.30 -19.97 -24.32
CA ALA A 344 11.48 -20.61 -24.89
C ALA A 344 12.65 -20.33 -23.95
N LYS A 345 12.97 -21.30 -23.08
CA LYS A 345 14.01 -21.22 -22.01
C LYS A 345 15.38 -21.59 -22.56
N LEU A 346 16.40 -20.80 -22.25
CA LEU A 346 17.84 -21.07 -22.57
C LEU A 346 18.03 -20.99 -24.08
N CYS A 347 17.54 -19.91 -24.68
CA CYS A 347 17.40 -19.74 -26.15
C CYS A 347 17.79 -18.31 -26.53
N VAL A 348 18.51 -18.14 -27.65
CA VAL A 348 18.94 -16.82 -28.17
C VAL A 348 18.62 -16.77 -29.65
N PRO A 349 18.33 -15.56 -30.19
CA PRO A 349 18.07 -15.37 -31.62
C PRO A 349 19.38 -15.33 -32.43
N ASP A 350 19.42 -16.00 -33.58
CA ASP A 350 20.54 -15.98 -34.54
C ASP A 350 20.18 -15.12 -35.74
N GLU A 351 18.91 -14.99 -36.11
CA GLU A 351 18.53 -14.38 -37.40
C GLU A 351 17.03 -14.08 -37.48
N ILE A 352 16.66 -12.89 -38.00
CA ILE A 352 15.24 -12.49 -38.29
C ILE A 352 15.10 -12.36 -39.80
N LYS A 353 14.30 -13.24 -40.40
CA LYS A 353 14.07 -13.32 -41.87
C LYS A 353 12.63 -12.87 -42.11
N GLN A 354 12.37 -12.25 -43.27
CA GLN A 354 11.05 -11.64 -43.56
C GLN A 354 10.28 -12.51 -44.54
N LEU A 355 9.04 -12.87 -44.21
CA LEU A 355 8.16 -13.66 -45.12
C LEU A 355 7.12 -12.73 -45.77
N LYS A 356 6.51 -11.84 -44.96
CA LYS A 356 5.58 -10.78 -45.43
CA LYS A 356 5.57 -10.78 -45.43
C LYS A 356 6.02 -9.42 -44.90
N VAL A 357 5.90 -8.37 -45.70
CA VAL A 357 6.16 -6.96 -45.35
C VAL A 357 4.92 -6.44 -44.62
N VAL A 358 5.11 -5.42 -43.77
CA VAL A 358 4.02 -4.77 -43.00
C VAL A 358 3.03 -4.16 -44.01
N ASP A 359 1.73 -4.42 -43.85
CA ASP A 359 0.69 -3.86 -44.77
C ASP A 359 0.09 -2.63 -44.12
N THR A 360 0.70 -1.45 -44.33
CA THR A 360 0.22 -0.15 -43.78
C THR A 360 -1.16 0.18 -44.36
N GLU A 361 -1.47 -0.25 -45.60
CA GLU A 361 -2.78 -0.08 -46.28
C GLU A 361 -3.89 -0.69 -45.41
N ASN A 362 -3.71 -1.91 -44.89
CA ASN A 362 -4.83 -2.69 -44.30
C ASN A 362 -4.70 -2.81 -42.77
N ASN A 363 -3.70 -2.14 -42.19
CA ASN A 363 -3.32 -2.23 -40.75
C ASN A 363 -3.15 -3.69 -40.29
N LYS A 364 -2.57 -4.55 -41.10
CA LYS A 364 -2.06 -5.85 -40.61
C LYS A 364 -0.56 -5.72 -40.34
N PRO A 365 -0.01 -6.52 -39.42
CA PRO A 365 1.43 -6.72 -39.37
C PRO A 365 1.92 -7.60 -40.52
N GLY A 366 3.24 -7.71 -40.65
CA GLY A 366 3.86 -8.66 -41.60
C GLY A 366 3.92 -10.08 -41.02
N LEU A 367 4.96 -10.81 -41.41
CA LEU A 367 5.27 -12.18 -40.93
C LEU A 367 6.77 -12.40 -41.04
N LEU A 368 7.35 -12.89 -39.94
CA LEU A 368 8.81 -13.09 -39.78
C LEU A 368 9.12 -14.54 -39.42
N LEU A 369 10.28 -15.01 -39.85
CA LEU A 369 10.84 -16.31 -39.39
C LEU A 369 11.98 -15.99 -38.45
N VAL A 370 11.88 -16.49 -37.22
CA VAL A 370 13.00 -16.41 -36.24
C VAL A 370 13.71 -17.77 -36.22
N LYS A 371 14.99 -17.73 -36.64
CA LYS A 371 16.02 -18.77 -36.39
C LYS A 371 16.76 -18.41 -35.09
N GLY A 372 16.85 -19.36 -34.16
CA GLY A 372 17.71 -19.26 -32.97
C GLY A 372 18.25 -20.62 -32.55
N HIS A 373 18.73 -20.73 -31.30
CA HIS A 373 19.33 -21.99 -30.77
C HIS A 373 19.32 -21.97 -29.23
N TYR A 374 19.08 -23.14 -28.66
CA TYR A 374 19.12 -23.44 -27.21
C TYR A 374 20.57 -23.73 -26.82
N THR A 375 20.90 -23.59 -25.53
CA THR A 375 22.28 -23.75 -24.97
C THR A 375 22.86 -25.14 -25.26
N ASP A 376 22.05 -26.20 -25.39
CA ASP A 376 22.47 -27.60 -25.75
C ASP A 376 22.69 -27.74 -27.25
N GLY A 377 22.39 -26.72 -28.08
CA GLY A 377 22.76 -26.67 -29.51
C GLY A 377 21.62 -26.95 -30.49
N LYS A 378 20.50 -27.52 -30.01
CA LYS A 378 19.22 -27.71 -30.75
C LYS A 378 18.73 -26.40 -31.38
N LYS A 379 18.03 -26.53 -32.52
CA LYS A 379 17.59 -25.37 -33.32
C LYS A 379 16.25 -24.85 -32.79
N PHE A 380 15.99 -23.60 -33.11
CA PHE A 380 14.69 -22.89 -32.91
C PHE A 380 14.28 -22.28 -34.24
N GLU A 381 13.03 -22.51 -34.66
CA GLU A 381 12.53 -21.99 -35.96
C GLU A 381 11.01 -21.96 -35.93
N GLU A 382 10.45 -20.76 -35.81
CA GLU A 382 8.97 -20.54 -35.78
CA GLU A 382 8.98 -20.55 -35.76
C GLU A 382 8.62 -19.18 -36.40
N GLU A 383 7.42 -19.10 -36.96
CA GLU A 383 6.85 -17.87 -37.57
C GLU A 383 6.30 -16.99 -36.44
N PHE A 384 6.46 -15.68 -36.54
CA PHE A 384 5.80 -14.68 -35.65
C PHE A 384 5.41 -13.49 -36.50
N GLU A 385 4.25 -12.91 -36.26
CA GLU A 385 3.80 -11.69 -36.95
C GLU A 385 4.70 -10.52 -36.50
N THR A 386 5.02 -10.43 -35.22
CA THR A 386 5.80 -9.33 -34.61
C THR A 386 6.89 -9.84 -33.65
N VAL A 387 8.04 -9.19 -33.65
CA VAL A 387 9.24 -9.57 -32.86
C VAL A 387 9.70 -8.32 -32.09
N ILE A 388 9.58 -8.37 -30.77
CA ILE A 388 9.94 -7.25 -29.88
C ILE A 388 11.26 -7.58 -29.19
N PHE A 389 12.29 -6.76 -29.37
CA PHE A 389 13.57 -6.86 -28.63
C PHE A 389 13.45 -6.03 -27.36
N ALA A 390 13.65 -6.70 -26.22
CA ALA A 390 13.82 -6.11 -24.89
C ALA A 390 15.06 -6.76 -24.27
N VAL A 391 16.23 -6.42 -24.81
CA VAL A 391 17.49 -7.08 -24.42
C VAL A 391 18.41 -6.06 -23.74
N GLY A 392 17.84 -4.93 -23.34
CA GLY A 392 18.54 -3.89 -22.57
C GLY A 392 18.34 -2.53 -23.21
N ARG A 393 18.66 -1.47 -22.44
CA ARG A 393 18.72 -0.06 -22.94
C ARG A 393 20.15 0.50 -22.77
N GLU A 394 20.60 1.45 -23.62
CA GLU A 394 21.95 2.08 -23.45
C GLU A 394 21.90 3.59 -23.69
N PRO A 395 22.82 4.35 -23.04
CA PRO A 395 22.95 5.78 -23.35
C PRO A 395 23.64 5.85 -24.72
N GLN A 396 23.69 7.01 -25.35
CA GLN A 396 24.72 7.21 -26.41
C GLN A 396 25.18 8.67 -26.31
N LEU A 397 26.21 8.89 -25.51
CA LEU A 397 26.76 10.22 -25.20
C LEU A 397 27.85 10.56 -26.21
N SER A 398 28.24 9.55 -27.01
CA SER A 398 28.96 9.76 -28.30
C SER A 398 28.20 10.80 -29.15
N LYS A 399 26.86 10.79 -29.10
CA LYS A 399 25.93 11.77 -29.75
C LYS A 399 25.96 13.15 -29.06
N VAL A 400 26.12 13.18 -27.74
CA VAL A 400 25.61 14.28 -26.89
C VAL A 400 26.83 14.97 -26.31
N LEU A 401 27.82 14.22 -25.81
CA LEU A 401 29.06 14.87 -25.33
CA LEU A 401 29.09 14.74 -25.24
C LEU A 401 30.25 14.45 -26.20
N CYS A 402 30.86 15.47 -26.82
CA CYS A 402 32.19 15.39 -27.43
C CYS A 402 33.10 14.85 -26.32
N GLU A 403 33.91 13.85 -26.64
CA GLU A 403 34.73 13.07 -25.67
C GLU A 403 35.87 13.98 -25.14
N THR A 404 36.08 15.12 -25.81
CA THR A 404 37.18 16.12 -25.62
C THR A 404 36.83 17.17 -24.54
N VAL A 405 35.64 17.09 -23.94
CA VAL A 405 35.19 18.06 -22.89
C VAL A 405 35.70 17.57 -21.54
N GLY A 406 35.96 16.25 -21.40
CA GLY A 406 36.56 15.67 -20.20
C GLY A 406 35.53 15.26 -19.17
N VAL A 407 34.35 14.84 -19.61
CA VAL A 407 33.34 14.14 -18.75
C VAL A 407 33.66 12.64 -18.79
N LYS A 408 34.21 12.09 -17.71
CA LYS A 408 34.55 10.65 -17.63
C LYS A 408 33.25 9.88 -17.69
N LEU A 409 33.20 8.91 -18.63
CA LEU A 409 32.16 7.86 -18.79
C LEU A 409 32.76 6.54 -18.29
N ASP A 410 31.93 5.66 -17.72
CA ASP A 410 32.37 4.33 -17.23
C ASP A 410 32.49 3.40 -18.43
N LYS A 411 32.67 2.09 -18.20
CA LYS A 411 32.91 1.11 -19.29
C LYS A 411 31.64 0.92 -20.12
N ASN A 412 30.45 1.18 -19.55
CA ASN A 412 29.13 0.94 -20.20
C ASN A 412 28.55 2.20 -20.86
N GLY A 413 29.28 3.30 -20.93
CA GLY A 413 28.82 4.53 -21.64
C GLY A 413 28.13 5.51 -20.72
N ARG A 414 27.99 5.17 -19.43
CA ARG A 414 27.29 5.98 -18.41
C ARG A 414 28.26 6.96 -17.74
N VAL A 415 27.74 8.09 -17.25
CA VAL A 415 28.55 9.20 -16.68
C VAL A 415 28.93 8.84 -15.23
N VAL A 416 30.23 8.93 -14.91
CA VAL A 416 30.75 8.73 -13.52
C VAL A 416 30.60 10.05 -12.74
N CYS A 417 29.71 10.02 -11.74
CA CYS A 417 29.32 11.15 -10.88
C CYS A 417 29.70 10.87 -9.44
N THR A 418 29.95 11.94 -8.66
CA THR A 418 30.09 11.94 -7.18
C THR A 418 28.68 11.87 -6.57
N ASP A 419 28.55 11.93 -5.24
CA ASP A 419 27.22 11.66 -4.63
CA ASP A 419 27.27 11.71 -4.51
C ASP A 419 26.32 12.91 -4.72
N ASP A 420 26.82 13.99 -5.31
CA ASP A 420 25.98 15.19 -5.59
C ASP A 420 25.74 15.33 -7.11
N GLU A 421 25.74 14.21 -7.84
CA GLU A 421 25.39 14.12 -9.29
C GLU A 421 26.44 14.87 -10.13
N GLN A 422 27.57 15.25 -9.53
CA GLN A 422 28.61 16.06 -10.19
C GLN A 422 29.48 15.16 -11.07
N THR A 423 29.75 15.61 -12.29
CA THR A 423 30.64 14.90 -13.25
C THR A 423 32.07 15.26 -12.87
N THR A 424 33.02 14.94 -13.75
CA THR A 424 34.46 15.25 -13.62
C THR A 424 34.72 16.70 -14.06
N VAL A 425 33.70 17.42 -14.53
CA VAL A 425 33.75 18.88 -14.88
C VAL A 425 32.86 19.63 -13.88
N SER A 426 33.42 20.60 -13.16
CA SER A 426 32.89 21.20 -11.90
C SER A 426 31.50 21.77 -12.11
N ASN A 427 31.18 22.27 -13.30
CA ASN A 427 29.89 22.96 -13.55
C ASN A 427 28.89 22.01 -14.23
N VAL A 428 29.28 20.78 -14.57
CA VAL A 428 28.41 19.84 -15.37
C VAL A 428 27.96 18.69 -14.46
N TYR A 429 26.64 18.40 -14.49
CA TYR A 429 25.98 17.37 -13.64
C TYR A 429 25.29 16.34 -14.55
N ALA A 430 24.96 15.17 -13.99
CA ALA A 430 24.27 14.07 -14.70
C ALA A 430 23.17 13.45 -13.83
N ILE A 431 21.97 13.30 -14.40
CA ILE A 431 20.83 12.67 -13.67
C ILE A 431 20.10 11.70 -14.56
N GLY A 432 19.38 10.81 -13.90
CA GLY A 432 18.48 9.83 -14.48
C GLY A 432 19.29 8.67 -14.94
N ASP A 433 18.79 7.98 -15.96
CA ASP A 433 19.32 6.68 -16.42
C ASP A 433 20.82 6.75 -16.76
N ILE A 434 21.37 7.94 -17.12
CA ILE A 434 22.78 8.07 -17.58
C ILE A 434 23.73 8.14 -16.39
N ASN A 435 23.21 8.37 -15.18
CA ASN A 435 24.03 8.46 -13.95
C ASN A 435 24.44 7.05 -13.51
N ALA A 436 25.67 6.66 -13.80
CA ALA A 436 26.24 5.32 -13.48
C ALA A 436 25.83 4.85 -12.09
N GLY A 437 25.34 3.61 -11.98
CA GLY A 437 25.16 2.92 -10.70
C GLY A 437 23.78 3.11 -10.09
N LYS A 438 23.02 4.13 -10.49
CA LYS A 438 21.73 4.51 -9.82
C LYS A 438 20.56 3.70 -10.35
N PRO A 439 19.49 3.49 -9.56
CA PRO A 439 18.35 2.70 -10.05
C PRO A 439 17.63 3.52 -11.13
N GLN A 440 17.29 2.89 -12.27
CA GLN A 440 16.80 3.55 -13.50
C GLN A 440 15.28 3.61 -13.42
N LEU A 441 14.81 4.57 -12.60
CA LEU A 441 13.37 4.78 -12.28
C LEU A 441 13.02 6.26 -12.36
N THR A 442 11.78 6.56 -12.82
CA THR A 442 11.22 7.94 -13.00
C THR A 442 11.29 8.71 -11.68
N PRO A 443 10.72 8.17 -10.59
CA PRO A 443 10.70 8.93 -9.33
C PRO A 443 12.12 9.25 -8.84
N VAL A 444 13.05 8.39 -9.14
CA VAL A 444 14.47 8.59 -8.77
C VAL A 444 15.05 9.74 -9.62
N ALA A 445 14.81 9.77 -10.92
CA ALA A 445 15.23 10.92 -11.77
C ALA A 445 14.55 12.22 -11.30
N ILE A 446 13.28 12.16 -10.88
CA ILE A 446 12.58 13.38 -10.41
C ILE A 446 13.22 13.83 -9.10
N GLN A 447 13.35 12.99 -8.06
CA GLN A 447 13.83 13.49 -6.74
C GLN A 447 15.29 13.95 -6.91
N ALA A 448 16.11 13.24 -7.69
CA ALA A 448 17.52 13.61 -7.94
C ALA A 448 17.59 15.02 -8.56
N GLY A 449 16.74 15.26 -9.57
CA GLY A 449 16.74 16.49 -10.40
C GLY A 449 16.32 17.70 -9.56
N ARG A 450 15.24 17.55 -8.78
CA ARG A 450 14.77 18.62 -7.86
C ARG A 450 15.83 18.90 -6.80
N TYR A 451 16.36 17.86 -6.15
CA TYR A 451 17.22 18.02 -4.96
C TYR A 451 18.54 18.70 -5.39
N LEU A 452 18.95 18.45 -6.64
CA LEU A 452 20.16 19.02 -7.28
C LEU A 452 19.92 20.51 -7.56
N ALA A 453 18.75 20.82 -8.09
CA ALA A 453 18.40 22.20 -8.51
C ALA A 453 18.38 23.09 -7.27
N ARG A 454 17.82 22.58 -6.15
CA ARG A 454 17.83 23.25 -4.83
C ARG A 454 19.27 23.49 -4.39
N ARG A 455 20.12 22.47 -4.53
CA ARG A 455 21.54 22.58 -4.08
C ARG A 455 22.28 23.63 -4.91
N LEU A 456 21.96 23.79 -6.20
CA LEU A 456 22.66 24.70 -7.14
C LEU A 456 22.17 26.12 -6.95
N PHE A 457 20.86 26.32 -6.76
CA PHE A 457 20.22 27.64 -6.92
C PHE A 457 19.58 28.16 -5.62
N ALA A 458 19.48 27.35 -4.56
CA ALA A 458 18.83 27.71 -3.27
C ALA A 458 19.72 27.33 -2.07
N GLY A 459 21.01 27.04 -2.28
CA GLY A 459 22.01 26.71 -1.25
C GLY A 459 21.65 25.50 -0.38
N ALA A 460 20.71 24.65 -0.79
CA ALA A 460 20.39 23.36 -0.13
C ALA A 460 21.65 22.49 -0.04
N THR A 461 21.69 21.56 0.92
CA THR A 461 22.79 20.57 1.11
C THR A 461 22.24 19.14 0.99
N GLU A 462 20.94 18.95 1.04
CA GLU A 462 20.38 17.58 1.05
C GLU A 462 20.71 16.90 -0.28
N LEU A 463 21.37 15.73 -0.18
CA LEU A 463 21.65 14.80 -1.31
C LEU A 463 20.46 13.86 -1.49
N THR A 464 20.39 13.19 -2.64
CA THR A 464 19.37 12.13 -2.89
C THR A 464 19.84 10.84 -2.25
N ASP A 465 18.91 10.11 -1.65
CA ASP A 465 19.16 8.79 -1.05
C ASP A 465 18.66 7.71 -2.05
N TYR A 466 19.60 7.05 -2.73
CA TYR A 466 19.33 6.01 -3.76
C TYR A 466 19.19 4.63 -3.12
N SER A 467 19.04 4.50 -1.80
CA SER A 467 19.04 3.17 -1.12
C SER A 467 17.61 2.69 -0.81
N ASN A 468 17.36 1.39 -0.90
CA ASN A 468 16.04 0.77 -0.61
C ASN A 468 14.94 1.47 -1.41
N VAL A 469 15.16 1.66 -2.70
CA VAL A 469 14.14 2.26 -3.59
C VAL A 469 13.21 1.11 -4.05
N ALA A 470 11.94 1.21 -3.64
CA ALA A 470 10.90 0.22 -3.95
C ALA A 470 10.70 0.25 -5.46
N THR A 471 10.16 -0.85 -5.99
CA THR A 471 9.86 -1.09 -7.39
C THR A 471 8.58 -1.88 -7.51
N THR A 472 8.00 -1.92 -8.69
CA THR A 472 6.87 -2.81 -8.98
C THR A 472 6.96 -3.21 -10.44
N VAL A 473 6.94 -4.51 -10.66
CA VAL A 473 6.88 -5.14 -11.99
C VAL A 473 5.41 -5.42 -12.27
N PHE A 474 4.87 -4.82 -13.34
CA PHE A 474 3.43 -4.80 -13.67
C PHE A 474 3.12 -5.95 -14.64
N THR A 475 3.63 -7.12 -14.26
CA THR A 475 3.30 -8.45 -14.84
C THR A 475 1.84 -8.72 -14.53
N PRO A 476 1.16 -9.60 -15.30
CA PRO A 476 -0.23 -9.93 -15.04
C PRO A 476 -0.53 -10.04 -13.56
N LEU A 477 0.33 -10.75 -12.83
CA LEU A 477 0.39 -10.72 -11.36
C LEU A 477 1.56 -9.84 -10.96
N GLU A 478 1.30 -8.76 -10.24
CA GLU A 478 2.30 -7.71 -9.97
C GLU A 478 3.27 -8.20 -8.91
N TYR A 479 4.53 -7.81 -9.02
CA TYR A 479 5.61 -8.09 -8.05
C TYR A 479 6.17 -6.76 -7.54
N GLY A 480 5.87 -6.44 -6.29
CA GLY A 480 6.44 -5.28 -5.57
C GLY A 480 7.63 -5.70 -4.74
N ALA A 481 8.62 -4.83 -4.57
CA ALA A 481 9.79 -5.13 -3.70
C ALA A 481 10.37 -3.83 -3.12
N CYS A 482 11.08 -3.96 -2.01
CA CYS A 482 11.87 -2.88 -1.40
C CYS A 482 13.06 -3.46 -0.66
N GLY A 483 14.27 -3.26 -1.20
CA GLY A 483 15.52 -3.63 -0.53
C GLY A 483 16.02 -4.91 -1.14
N LEU A 484 16.66 -5.74 -0.33
CA LEU A 484 17.53 -6.84 -0.82
C LEU A 484 16.67 -8.03 -1.24
N SER A 485 17.01 -8.65 -2.36
CA SER A 485 16.61 -10.03 -2.69
C SER A 485 17.10 -10.93 -1.54
N GLU A 486 16.44 -12.05 -1.28
CA GLU A 486 16.90 -13.06 -0.29
C GLU A 486 18.37 -13.44 -0.59
N GLU A 487 18.69 -13.72 -1.84
CA GLU A 487 20.04 -14.24 -2.20
C GLU A 487 21.09 -13.17 -1.88
N ASP A 488 20.81 -11.89 -2.17
CA ASP A 488 21.73 -10.76 -1.86
C ASP A 488 21.93 -10.63 -0.35
N ALA A 489 20.85 -10.73 0.47
CA ALA A 489 20.94 -10.64 1.94
C ALA A 489 21.83 -11.75 2.49
N ILE A 490 21.65 -12.99 2.00
CA ILE A 490 22.44 -14.19 2.41
C ILE A 490 23.92 -14.01 2.04
N GLU A 491 24.23 -13.50 0.85
CA GLU A 491 25.64 -13.21 0.42
C GLU A 491 26.26 -12.16 1.34
N LYS A 492 25.54 -11.11 1.70
CA LYS A 492 26.09 -9.95 2.47
C LYS A 492 26.22 -10.31 3.96
N TYR A 493 25.23 -10.95 4.58
CA TYR A 493 25.24 -11.13 6.06
C TYR A 493 25.53 -12.58 6.47
N GLY A 494 25.47 -13.54 5.54
CA GLY A 494 25.56 -14.99 5.80
C GLY A 494 24.23 -15.60 6.19
N ASP A 495 24.01 -16.85 5.79
CA ASP A 495 22.77 -17.64 5.99
C ASP A 495 22.38 -17.76 7.48
N LYS A 496 23.31 -17.93 8.40
CA LYS A 496 22.92 -18.15 9.81
C LYS A 496 22.33 -16.83 10.35
N ASP A 497 22.65 -15.67 9.75
CA ASP A 497 22.19 -14.33 10.21
C ASP A 497 20.91 -13.91 9.47
N ILE A 498 20.38 -14.71 8.54
CA ILE A 498 19.17 -14.36 7.73
C ILE A 498 17.99 -15.19 8.19
N GLU A 499 16.96 -14.54 8.73
CA GLU A 499 15.63 -15.14 9.00
C GLU A 499 14.68 -14.59 7.93
N VAL A 500 13.88 -15.49 7.35
CA VAL A 500 12.92 -15.18 6.27
C VAL A 500 11.54 -15.62 6.74
N TYR A 501 10.63 -14.68 6.92
CA TYR A 501 9.21 -14.91 7.25
C TYR A 501 8.46 -14.83 5.94
N HIS A 502 7.63 -15.86 5.63
CA HIS A 502 6.86 -15.94 4.36
C HIS A 502 5.47 -16.52 4.62
N SER A 503 4.57 -16.25 3.71
CA SER A 503 3.18 -16.74 3.69
C SER A 503 2.62 -16.60 2.27
N ASN A 504 1.90 -17.60 1.76
CA ASN A 504 0.93 -17.40 0.65
C ASN A 504 -0.25 -16.55 1.17
N PHE A 505 -1.04 -16.05 0.27
CA PHE A 505 -2.37 -15.48 0.57
C PHE A 505 -3.26 -15.59 -0.65
N LYS A 506 -4.55 -15.36 -0.40
CA LYS A 506 -5.60 -15.30 -1.42
C LYS A 506 -6.34 -14.00 -1.22
N PRO A 507 -6.34 -13.11 -2.23
CA PRO A 507 -7.15 -11.90 -2.16
C PRO A 507 -8.61 -12.32 -1.99
N LEU A 508 -9.32 -11.68 -1.06
CA LEU A 508 -10.74 -11.98 -0.89
C LEU A 508 -11.46 -11.88 -2.24
N GLU A 509 -11.07 -10.94 -3.11
CA GLU A 509 -11.70 -10.72 -4.45
C GLU A 509 -11.62 -11.99 -5.33
N TRP A 510 -10.72 -12.93 -5.01
CA TRP A 510 -10.43 -14.14 -5.83
C TRP A 510 -11.28 -15.32 -5.38
N THR A 511 -11.97 -15.18 -4.22
CA THR A 511 -12.75 -16.27 -3.58
C THR A 511 -13.98 -16.56 -4.41
N VAL A 512 -14.92 -15.62 -4.51
CA VAL A 512 -16.14 -15.80 -5.35
C VAL A 512 -15.73 -16.03 -6.80
N ALA A 513 -14.62 -15.43 -7.21
CA ALA A 513 -14.12 -15.43 -8.59
C ALA A 513 -13.42 -16.77 -8.94
N HIS A 514 -13.25 -17.69 -7.99
CA HIS A 514 -12.70 -19.05 -8.21
C HIS A 514 -11.31 -18.97 -8.85
N ARG A 515 -10.47 -18.03 -8.43
CA ARG A 515 -9.03 -17.98 -8.82
C ARG A 515 -8.22 -18.74 -7.76
N GLU A 516 -6.90 -18.74 -7.88
CA GLU A 516 -6.01 -19.71 -7.22
C GLU A 516 -5.87 -19.38 -5.72
N ASP A 517 -5.88 -20.45 -4.91
CA ASP A 517 -5.31 -20.48 -3.52
C ASP A 517 -3.77 -20.50 -3.66
N ASN A 518 -3.05 -19.94 -2.71
CA ASN A 518 -1.59 -20.24 -2.66
C ASN A 518 -0.82 -19.97 -3.97
N VAL A 519 -1.15 -18.94 -4.74
CA VAL A 519 -0.23 -18.35 -5.78
C VAL A 519 0.26 -16.97 -5.32
N CYS A 520 -0.55 -16.13 -4.72
CA CYS A 520 -0.05 -14.85 -4.17
C CYS A 520 0.86 -15.20 -2.98
N TYR A 521 1.89 -14.41 -2.72
CA TYR A 521 3.02 -14.78 -1.85
C TYR A 521 3.75 -13.50 -1.37
N MET A 522 4.12 -13.45 -0.10
CA MET A 522 4.96 -12.36 0.43
C MET A 522 6.00 -12.91 1.40
N LYS A 523 7.12 -12.22 1.55
CA LYS A 523 8.14 -12.55 2.57
C LYS A 523 8.85 -11.27 3.05
N LEU A 524 9.45 -11.38 4.23
CA LEU A 524 10.34 -10.37 4.84
C LEU A 524 11.69 -11.04 5.07
N VAL A 525 12.73 -10.55 4.42
CA VAL A 525 14.10 -11.01 4.62
C VAL A 525 14.67 -10.15 5.75
N CYS A 526 14.93 -10.72 6.93
CA CYS A 526 15.39 -9.95 8.11
C CYS A 526 16.76 -10.46 8.55
N ARG A 527 17.43 -9.68 9.43
CA ARG A 527 18.80 -9.88 9.89
C ARG A 527 18.78 -10.12 11.40
N LYS A 528 18.97 -11.38 11.84
CA LYS A 528 18.89 -11.83 13.26
C LYS A 528 19.73 -10.92 14.18
N SER A 529 21.01 -10.71 13.90
CA SER A 529 21.94 -9.98 14.78
C SER A 529 21.63 -8.47 14.86
N ASP A 530 20.64 -7.95 14.11
CA ASP A 530 20.28 -6.50 14.13
C ASP A 530 18.79 -6.35 14.43
N ASN A 531 18.32 -6.95 15.51
CA ASN A 531 16.89 -6.96 15.92
C ASN A 531 15.99 -7.40 14.79
N MET A 532 16.41 -8.33 13.94
CA MET A 532 15.53 -8.81 12.85
C MET A 532 15.06 -7.59 12.04
N ARG A 533 16.01 -6.70 11.74
CA ARG A 533 15.84 -5.58 10.77
C ARG A 533 15.30 -6.14 9.44
N VAL A 534 14.25 -5.53 8.90
CA VAL A 534 13.79 -5.87 7.53
C VAL A 534 14.78 -5.29 6.50
N LEU A 535 15.47 -6.19 5.79
CA LEU A 535 16.39 -5.89 4.67
C LEU A 535 15.63 -5.94 3.34
N GLY A 536 14.52 -6.65 3.30
CA GLY A 536 13.83 -6.92 2.04
C GLY A 536 12.38 -7.21 2.26
N LEU A 537 11.50 -6.46 1.60
CA LEU A 537 10.07 -6.79 1.50
C LEU A 537 9.78 -7.16 0.05
N HIS A 538 9.02 -8.25 -0.15
CA HIS A 538 8.66 -8.84 -1.48
C HIS A 538 7.18 -9.25 -1.47
N VAL A 539 6.42 -8.91 -2.49
CA VAL A 539 4.99 -9.33 -2.58
C VAL A 539 4.54 -9.54 -4.03
N LEU A 540 3.97 -10.70 -4.31
CA LEU A 540 3.32 -11.03 -5.57
C LEU A 540 1.81 -11.08 -5.30
N GLY A 541 1.04 -10.15 -5.87
CA GLY A 541 -0.44 -10.17 -5.84
C GLY A 541 -0.96 -8.95 -6.58
N PRO A 542 -2.28 -8.72 -6.62
CA PRO A 542 -2.84 -7.52 -7.24
C PRO A 542 -2.42 -6.24 -6.48
N ASN A 543 -2.26 -5.13 -7.20
CA ASN A 543 -1.98 -3.79 -6.64
C ASN A 543 -0.71 -3.83 -5.79
N ALA A 544 0.29 -4.59 -6.23
CA ALA A 544 1.59 -4.74 -5.52
C ALA A 544 2.22 -3.38 -5.26
N GLY A 545 2.11 -2.45 -6.19
CA GLY A 545 2.70 -1.10 -6.07
C GLY A 545 2.08 -0.35 -4.89
N GLU A 546 0.76 -0.40 -4.82
CA GLU A 546 -0.01 0.25 -3.77
C GLU A 546 0.37 -0.39 -2.43
N ILE A 547 0.42 -1.72 -2.39
CA ILE A 547 0.78 -2.46 -1.16
C ILE A 547 2.16 -2.03 -0.70
N THR A 548 3.15 -2.08 -1.62
CA THR A 548 4.59 -1.98 -1.29
C THR A 548 4.95 -0.58 -0.83
N GLN A 549 4.47 0.44 -1.53
CA GLN A 549 4.85 1.86 -1.32
C GLN A 549 4.98 2.28 0.14
N GLY A 550 3.93 2.13 0.93
CA GLY A 550 3.90 2.60 2.32
C GLY A 550 5.08 2.05 3.10
N TYR A 551 5.36 0.74 2.96
CA TYR A 551 6.41 0.02 3.71
C TYR A 551 7.79 0.61 3.38
N ALA A 552 7.95 1.19 2.20
CA ALA A 552 9.24 1.82 1.80
C ALA A 552 9.63 2.90 2.82
N VAL A 553 8.63 3.53 3.45
CA VAL A 553 8.89 4.60 4.45
C VAL A 553 9.37 3.97 5.76
N ALA A 554 8.74 2.87 6.18
CA ALA A 554 9.15 2.11 7.39
C ALA A 554 10.57 1.58 7.17
N ILE A 555 10.86 1.05 5.98
CA ILE A 555 12.19 0.46 5.70
C ILE A 555 13.25 1.57 5.71
N LYS A 556 12.98 2.68 5.04
CA LYS A 556 13.88 3.86 5.09
C LYS A 556 14.18 4.21 6.56
N MET A 557 13.19 4.13 7.44
CA MET A 557 13.29 4.48 8.89
C MET A 557 13.90 3.33 9.71
N GLY A 558 14.16 2.16 9.12
CA GLY A 558 14.85 1.03 9.80
C GLY A 558 13.89 0.06 10.50
N ALA A 559 12.73 -0.18 9.91
CA ALA A 559 11.69 -1.10 10.39
C ALA A 559 12.30 -2.46 10.65
N THR A 560 11.95 -3.01 11.81
CA THR A 560 12.35 -4.33 12.33
C THR A 560 11.16 -5.24 12.15
N LYS A 561 11.32 -6.53 12.43
CA LYS A 561 10.16 -7.43 12.38
C LYS A 561 9.20 -7.03 13.50
N ALA A 562 9.72 -6.66 14.68
CA ALA A 562 8.86 -6.26 15.83
C ALA A 562 7.94 -5.10 15.42
N ASP A 563 8.46 -4.15 14.63
CA ASP A 563 7.70 -3.00 14.07
C ASP A 563 6.53 -3.49 13.21
N PHE A 564 6.71 -4.45 12.30
CA PHE A 564 5.58 -5.06 11.53
C PHE A 564 4.57 -5.75 12.46
N ASP A 565 5.06 -6.53 13.41
CA ASP A 565 4.17 -7.24 14.36
C ASP A 565 3.31 -6.25 15.16
N ARG A 566 3.90 -5.21 15.72
CA ARG A 566 3.18 -4.36 16.71
CA ARG A 566 3.24 -4.28 16.70
C ARG A 566 2.14 -3.48 15.98
N THR A 567 2.24 -3.33 14.66
CA THR A 567 1.25 -2.64 13.83
C THR A 567 0.07 -3.57 13.61
N ILE A 568 -1.15 -3.02 13.67
CA ILE A 568 -2.42 -3.76 13.46
C ILE A 568 -2.78 -3.71 11.97
N GLY A 569 -3.25 -4.82 11.45
CA GLY A 569 -3.68 -4.88 10.05
C GLY A 569 -5.00 -4.15 9.82
N ILE A 570 -5.25 -3.77 8.56
CA ILE A 570 -6.54 -3.32 7.98
C ILE A 570 -7.18 -4.53 7.32
N HIS A 571 -8.43 -4.84 7.63
CA HIS A 571 -9.10 -6.07 7.15
C HIS A 571 -10.39 -5.64 6.47
N PRO A 572 -10.76 -6.20 5.30
CA PRO A 572 -9.94 -7.14 4.53
C PRO A 572 -9.03 -6.56 3.43
N THR A 573 -7.72 -6.85 3.50
CA THR A 573 -6.74 -6.42 2.48
C THR A 573 -5.73 -7.55 2.23
N CYS A 574 -5.10 -7.53 1.05
CA CYS A 574 -3.81 -8.21 0.77
C CYS A 574 -2.71 -7.66 1.68
N SER A 575 -2.59 -6.35 1.79
CA SER A 575 -1.45 -5.77 2.52
C SER A 575 -1.37 -6.33 3.95
N GLU A 576 -2.49 -6.51 4.65
CA GLU A 576 -2.46 -6.83 6.10
C GLU A 576 -1.59 -8.05 6.41
N THR A 577 -1.41 -8.98 5.47
CA THR A 577 -0.79 -10.29 5.78
C THR A 577 0.67 -10.07 6.21
N PHE A 578 1.18 -8.86 5.97
CA PHE A 578 2.55 -8.48 6.35
C PHE A 578 2.63 -8.20 7.85
N THR A 579 1.49 -8.05 8.53
CA THR A 579 1.43 -7.68 9.96
C THR A 579 1.34 -8.91 10.85
N THR A 580 1.25 -10.12 10.29
CA THR A 580 0.98 -11.41 11.02
C THR A 580 1.84 -12.58 10.53
N LEU A 581 2.92 -12.33 9.81
CA LEU A 581 3.84 -13.39 9.35
C LEU A 581 4.52 -14.01 10.57
N HIS A 582 4.55 -15.34 10.64
CA HIS A 582 5.09 -16.15 11.78
C HIS A 582 5.92 -17.33 11.24
N VAL A 583 5.58 -17.87 10.07
CA VAL A 583 6.25 -19.05 9.45
C VAL A 583 7.62 -18.67 8.87
N THR A 584 8.70 -19.28 9.39
CA THR A 584 10.08 -19.02 8.90
C THR A 584 10.45 -20.08 7.85
N LYS A 585 11.42 -19.76 7.00
CA LYS A 585 11.98 -20.73 6.03
C LYS A 585 12.81 -21.76 6.81
N LYS A 586 13.52 -21.35 7.86
CA LYS A 586 14.28 -22.31 8.71
C LYS A 586 13.35 -23.42 9.21
N SER A 587 12.13 -23.10 9.63
CA SER A 587 11.26 -24.07 10.33
C SER A 587 10.86 -25.22 9.40
N GLY A 588 10.92 -24.98 8.08
CA GLY A 588 10.42 -25.89 7.04
C GLY A 588 8.90 -25.96 7.00
N VAL A 589 8.18 -25.25 7.87
CA VAL A 589 6.69 -25.30 7.91
C VAL A 589 6.17 -24.74 6.57
N SER A 590 5.04 -25.24 6.08
CA SER A 590 4.48 -24.83 4.76
C SER A 590 3.95 -23.41 4.87
N PRO A 591 4.16 -22.57 3.85
CA PRO A 591 3.59 -21.23 3.86
C PRO A 591 2.16 -21.22 3.30
N ILE A 592 1.64 -22.31 2.72
CA ILE A 592 0.23 -22.37 2.22
C ILE A 592 -0.68 -22.00 3.39
N VAL A 593 -1.83 -21.38 3.14
CA VAL A 593 -2.72 -20.88 4.23
C VAL A 593 -4.09 -21.53 4.13
N SER A 594 -4.80 -21.56 5.27
CA SER A 594 -6.03 -22.35 5.61
C SER A 594 -6.54 -21.94 7.00
N GLY B 6 11.88 -8.12 41.12
CA GLY B 6 11.11 -7.75 39.88
C GLY B 6 10.81 -8.94 38.97
N THR B 7 11.73 -9.91 38.94
CA THR B 7 11.80 -11.03 37.94
C THR B 7 11.18 -12.31 38.53
N SER B 8 11.33 -12.59 39.84
CA SER B 8 10.67 -13.71 40.57
C SER B 8 9.14 -13.54 40.55
N GLN B 9 8.65 -12.30 40.47
CA GLN B 9 7.20 -11.97 40.42
C GLN B 9 6.61 -12.58 39.15
N TRP B 10 7.32 -12.44 38.02
CA TRP B 10 7.02 -13.04 36.69
C TRP B 10 7.01 -14.58 36.76
N LEU B 11 8.09 -15.15 37.32
CA LEU B 11 8.35 -16.61 37.29
C LEU B 11 7.20 -17.32 38.00
N ARG B 12 6.80 -16.82 39.17
CA ARG B 12 5.61 -17.28 39.94
C ARG B 12 4.39 -17.24 39.00
N LYS B 13 4.08 -16.07 38.42
CA LYS B 13 2.90 -15.86 37.52
C LYS B 13 2.96 -16.87 36.35
N THR B 14 4.13 -16.98 35.69
CA THR B 14 4.32 -17.86 34.50
C THR B 14 4.10 -19.33 34.88
N VAL B 15 4.86 -19.87 35.84
CA VAL B 15 4.93 -21.34 36.14
C VAL B 15 3.55 -21.83 36.56
N ASP B 16 2.85 -21.01 37.36
CA ASP B 16 1.51 -21.27 37.97
C ASP B 16 0.44 -21.43 36.85
N SER B 17 0.42 -20.52 35.88
CA SER B 17 -0.64 -20.39 34.83
C SER B 17 -0.29 -21.13 33.53
N ALA B 18 0.99 -21.42 33.28
CA ALA B 18 1.46 -22.24 32.14
C ALA B 18 0.85 -23.64 32.26
N ALA B 19 0.33 -24.18 31.15
CA ALA B 19 -0.19 -25.57 31.08
C ALA B 19 1.00 -26.51 30.98
N VAL B 20 1.80 -26.33 29.93
CA VAL B 20 3.07 -27.10 29.69
C VAL B 20 4.17 -26.11 29.26
N ILE B 21 5.30 -26.07 29.99
CA ILE B 21 6.43 -25.10 29.78
C ILE B 21 7.80 -25.79 30.04
N LEU B 22 8.78 -25.46 29.20
CA LEU B 22 10.17 -25.99 29.27
C LEU B 22 11.13 -24.81 29.47
N PHE B 23 11.81 -24.77 30.61
CA PHE B 23 12.95 -23.87 30.86
C PHE B 23 14.18 -24.48 30.17
N SER B 24 14.68 -23.80 29.13
CA SER B 24 15.62 -24.33 28.10
C SER B 24 16.83 -23.40 27.92
N LYS B 25 17.76 -23.83 27.06
CA LYS B 25 18.79 -23.01 26.36
C LYS B 25 18.96 -23.55 24.94
N THR B 26 19.37 -22.67 24.02
CA THR B 26 19.52 -22.93 22.56
C THR B 26 20.67 -23.91 22.31
N THR B 27 21.67 -23.92 23.19
CA THR B 27 22.93 -24.70 23.09
C THR B 27 23.03 -25.66 24.27
N CYS B 28 21.94 -26.38 24.57
CA CYS B 28 21.87 -27.38 25.67
C CYS B 28 21.51 -28.72 25.01
N PRO B 29 22.46 -29.67 24.91
CA PRO B 29 22.25 -30.86 24.08
C PRO B 29 21.05 -31.67 24.60
N TYR B 30 20.93 -31.78 25.93
CA TYR B 30 19.84 -32.52 26.65
C TYR B 30 18.52 -31.74 26.57
N CYS B 31 18.54 -30.41 26.49
CA CYS B 31 17.36 -29.55 26.19
C CYS B 31 16.82 -29.86 24.79
N LYS B 32 17.71 -30.10 23.84
CA LYS B 32 17.35 -30.54 22.45
C LYS B 32 16.67 -31.91 22.53
N LYS B 33 17.25 -32.86 23.26
CA LYS B 33 16.71 -34.24 23.35
C LYS B 33 15.29 -34.19 23.92
N VAL B 34 15.05 -33.44 25.01
CA VAL B 34 13.70 -33.33 25.66
C VAL B 34 12.72 -32.73 24.66
N LYS B 35 13.05 -31.61 24.02
CA LYS B 35 12.23 -30.96 22.97
C LYS B 35 11.83 -31.96 21.88
N ASP B 36 12.83 -32.60 21.24
CA ASP B 36 12.67 -33.61 20.16
C ASP B 36 11.65 -34.67 20.57
N VAL B 37 11.83 -35.28 21.74
CA VAL B 37 10.92 -36.30 22.33
C VAL B 37 9.49 -35.70 22.43
N LEU B 38 9.30 -34.55 23.09
CA LEU B 38 7.96 -33.94 23.28
C LEU B 38 7.25 -33.83 21.93
N ALA B 39 7.95 -33.41 20.87
CA ALA B 39 7.40 -33.18 19.51
C ALA B 39 6.96 -34.51 18.87
N GLU B 40 7.70 -35.60 19.14
CA GLU B 40 7.40 -36.98 18.69
C GLU B 40 6.14 -37.48 19.40
N ALA B 41 6.01 -37.27 20.72
CA ALA B 41 4.83 -37.62 21.52
C ALA B 41 3.66 -36.68 21.20
N LYS B 42 3.82 -35.76 20.24
CA LYS B 42 2.83 -34.74 19.82
C LYS B 42 2.37 -33.89 21.02
N ILE B 43 3.26 -33.67 22.01
CA ILE B 43 2.99 -32.87 23.25
C ILE B 43 3.39 -31.42 22.95
N LYS B 44 2.41 -30.54 22.79
CA LYS B 44 2.65 -29.09 22.60
C LYS B 44 3.02 -28.48 23.96
N HIS B 45 3.83 -27.41 23.94
CA HIS B 45 4.38 -26.73 25.14
C HIS B 45 4.94 -25.34 24.79
N ALA B 46 4.89 -24.43 25.75
CA ALA B 46 5.75 -23.24 25.89
C ALA B 46 7.23 -23.60 26.07
N THR B 47 8.12 -22.83 25.42
CA THR B 47 9.60 -22.86 25.64
C THR B 47 10.13 -21.44 26.00
N ILE B 48 10.69 -21.27 27.18
CA ILE B 48 11.50 -20.05 27.51
C ILE B 48 13.00 -20.44 27.53
N GLU B 49 13.78 -19.88 26.57
CA GLU B 49 15.26 -20.02 26.42
C GLU B 49 15.96 -18.97 27.30
N LEU B 50 16.50 -19.37 28.46
CA LEU B 50 17.14 -18.46 29.47
C LEU B 50 18.32 -17.69 28.85
N ASP B 51 19.03 -18.30 27.89
CA ASP B 51 20.25 -17.75 27.23
C ASP B 51 19.86 -16.71 26.16
N GLN B 52 18.58 -16.40 25.97
CA GLN B 52 18.11 -15.36 25.00
C GLN B 52 17.37 -14.25 25.73
N LEU B 53 17.54 -14.13 27.06
CA LEU B 53 16.89 -13.10 27.92
C LEU B 53 17.97 -12.34 28.73
N SER B 54 17.88 -11.01 28.80
CA SER B 54 18.64 -10.14 29.74
C SER B 54 18.74 -10.76 31.15
N ASN B 55 17.69 -11.45 31.61
CA ASN B 55 17.46 -11.83 33.04
C ASN B 55 17.74 -13.32 33.27
N GLY B 56 18.44 -13.99 32.33
CA GLY B 56 18.57 -15.46 32.25
C GLY B 56 19.13 -16.08 33.53
N SER B 57 20.30 -15.60 33.98
CA SER B 57 21.01 -16.10 35.18
C SER B 57 20.05 -16.10 36.38
N ALA B 58 19.34 -14.98 36.56
CA ALA B 58 18.45 -14.68 37.70
C ALA B 58 17.29 -15.71 37.75
N ILE B 59 16.72 -16.05 36.59
CA ILE B 59 15.58 -17.00 36.45
C ILE B 59 16.05 -18.43 36.82
N GLN B 60 17.24 -18.85 36.38
CA GLN B 60 17.83 -20.18 36.73
C GLN B 60 17.85 -20.36 38.25
N LYS B 61 18.42 -19.38 38.97
CA LYS B 61 18.58 -19.39 40.46
C LYS B 61 17.20 -19.36 41.13
N CYS B 62 16.20 -18.67 40.54
CA CYS B 62 14.83 -18.49 41.11
C CYS B 62 13.97 -19.77 40.91
N LEU B 63 14.22 -20.58 39.87
CA LEU B 63 13.50 -21.87 39.64
C LEU B 63 13.63 -22.79 40.88
N ALA B 64 14.76 -22.70 41.59
CA ALA B 64 15.10 -23.52 42.77
C ALA B 64 13.94 -23.55 43.78
N SER B 65 13.15 -22.47 43.90
CA SER B 65 11.93 -22.36 44.74
C SER B 65 10.94 -23.49 44.40
N PHE B 66 10.76 -23.75 43.11
CA PHE B 66 9.71 -24.65 42.55
C PHE B 66 10.30 -26.05 42.28
N SER B 67 11.51 -26.16 41.72
CA SER B 67 12.11 -27.44 41.23
C SER B 67 13.21 -27.99 42.14
N LYS B 68 13.81 -27.15 43.00
CA LYS B 68 14.86 -27.52 44.00
C LYS B 68 16.23 -27.59 43.33
N ILE B 69 16.35 -27.09 42.09
CA ILE B 69 17.55 -27.20 41.22
C ILE B 69 17.65 -25.97 40.28
N GLU B 70 18.84 -25.72 39.71
CA GLU B 70 19.15 -24.54 38.85
C GLU B 70 19.75 -25.00 37.53
N THR B 71 19.64 -26.29 37.18
CA THR B 71 20.08 -26.90 35.90
C THR B 71 19.07 -26.55 34.78
N VAL B 72 19.43 -26.79 33.52
CA VAL B 72 18.41 -26.90 32.44
C VAL B 72 18.63 -28.23 31.75
N PRO B 73 17.57 -28.87 31.17
CA PRO B 73 16.21 -28.32 31.17
C PRO B 73 15.38 -28.66 32.43
N GLN B 74 14.20 -28.05 32.54
CA GLN B 74 13.21 -28.21 33.63
C GLN B 74 11.80 -28.08 33.04
N MET B 75 11.02 -29.15 33.10
CA MET B 75 9.63 -29.23 32.57
C MET B 75 8.62 -29.09 33.70
N PHE B 76 7.59 -28.25 33.50
CA PHE B 76 6.45 -28.00 34.43
C PHE B 76 5.12 -28.24 33.69
N VAL B 77 4.12 -28.71 34.45
CA VAL B 77 2.69 -28.91 34.03
C VAL B 77 1.80 -28.28 35.10
N ARG B 78 1.03 -27.25 34.72
CA ARG B 78 0.01 -26.60 35.57
C ARG B 78 0.58 -26.35 36.96
N GLY B 79 1.79 -25.79 37.03
CA GLY B 79 2.45 -25.34 38.28
C GLY B 79 3.19 -26.45 39.02
N LYS B 80 3.18 -27.69 38.52
CA LYS B 80 3.88 -28.82 39.16
C LYS B 80 5.10 -29.19 38.32
N PHE B 81 6.27 -29.25 38.97
CA PHE B 81 7.59 -29.69 38.45
C PHE B 81 7.54 -31.19 38.14
N ILE B 82 7.78 -31.55 36.88
CA ILE B 82 7.70 -32.91 36.27
C ILE B 82 9.10 -33.56 36.25
N GLY B 83 10.10 -32.79 35.84
CA GLY B 83 11.52 -33.13 36.08
C GLY B 83 12.51 -32.47 35.13
N ASP B 84 13.78 -32.89 35.30
CA ASP B 84 14.98 -32.63 34.45
C ASP B 84 14.91 -33.57 33.24
N SER B 85 15.95 -33.62 32.39
CA SER B 85 15.94 -34.44 31.14
C SER B 85 15.90 -35.95 31.48
N GLN B 86 16.54 -36.41 32.56
CA GLN B 86 16.63 -37.86 32.86
C GLN B 86 15.22 -38.39 33.21
N THR B 87 14.48 -37.65 34.07
CA THR B 87 13.10 -37.95 34.55
C THR B 87 12.11 -37.89 33.38
N VAL B 88 12.25 -36.95 32.44
CA VAL B 88 11.27 -36.76 31.33
C VAL B 88 11.45 -37.88 30.30
N LEU B 89 12.68 -38.35 30.07
CA LEU B 89 12.95 -39.39 29.03
C LEU B 89 12.51 -40.75 29.57
N LYS B 90 12.62 -40.93 30.90
CA LYS B 90 12.06 -42.06 31.70
C LYS B 90 10.54 -42.16 31.45
N TYR B 91 9.78 -41.10 31.77
CA TYR B 91 8.30 -41.01 31.63
C TYR B 91 7.87 -41.23 30.16
N TYR B 92 8.75 -40.98 29.17
CA TYR B 92 8.45 -41.12 27.71
C TYR B 92 8.49 -42.61 27.28
N SER B 93 9.58 -43.32 27.61
CA SER B 93 9.79 -44.73 27.23
C SER B 93 8.83 -45.65 28.02
N ASN B 94 8.24 -45.16 29.12
CA ASN B 94 7.27 -45.90 29.99
C ASN B 94 5.82 -45.60 29.54
N ASP B 95 5.64 -44.54 28.74
CA ASP B 95 4.34 -44.02 28.21
C ASP B 95 3.48 -43.42 29.33
N GLU B 96 4.06 -43.12 30.51
CA GLU B 96 3.41 -42.36 31.61
C GLU B 96 3.29 -40.87 31.26
N LEU B 97 3.91 -40.42 30.17
CA LEU B 97 4.13 -38.96 29.85
C LEU B 97 2.84 -38.29 29.34
N ALA B 98 2.16 -38.87 28.36
CA ALA B 98 0.86 -38.36 27.85
C ALA B 98 -0.11 -38.25 29.04
N GLY B 99 -0.02 -39.18 29.99
CA GLY B 99 -0.80 -39.18 31.24
C GLY B 99 -0.54 -37.93 32.06
N ILE B 100 0.73 -37.64 32.30
CA ILE B 100 1.19 -36.57 33.24
C ILE B 100 0.82 -35.17 32.68
N VAL B 101 0.82 -34.93 31.36
CA VAL B 101 0.54 -33.57 30.81
C VAL B 101 -0.98 -33.31 30.72
N ASN B 102 -1.85 -34.26 31.09
CA ASN B 102 -3.33 -34.09 31.09
C ASN B 102 -3.90 -33.75 32.46
N GLU B 103 -3.19 -34.09 33.54
CA GLU B 103 -3.66 -33.90 34.93
C GLU B 103 -3.96 -32.42 35.18
N SER B 104 -5.22 -32.12 35.48
CA SER B 104 -5.74 -30.74 35.71
C SER B 104 -6.92 -30.78 36.69
N LYS B 105 -6.90 -29.86 37.66
CA LYS B 105 -8.05 -29.49 38.55
C LYS B 105 -9.29 -29.21 37.71
N TYR B 106 -9.10 -28.49 36.59
CA TYR B 106 -10.20 -27.98 35.73
C TYR B 106 -10.35 -28.89 34.51
N ASP B 107 -11.55 -28.93 33.93
CA ASP B 107 -11.82 -29.65 32.66
C ASP B 107 -10.91 -29.05 31.58
N TYR B 108 -10.67 -27.74 31.69
CA TYR B 108 -10.03 -26.89 30.66
C TYR B 108 -9.08 -25.88 31.33
N ASP B 109 -7.91 -25.69 30.75
CA ASP B 109 -6.97 -24.58 31.08
C ASP B 109 -7.58 -23.23 30.69
N LEU B 110 -8.32 -23.20 29.58
CA LEU B 110 -8.96 -21.97 29.04
C LEU B 110 -10.35 -22.32 28.51
N ILE B 111 -11.39 -21.65 28.99
CA ILE B 111 -12.70 -21.58 28.26
C ILE B 111 -12.81 -20.20 27.63
N VAL B 112 -13.10 -20.16 26.33
CA VAL B 112 -13.36 -18.91 25.55
C VAL B 112 -14.86 -18.84 25.25
N ILE B 113 -15.56 -17.84 25.74
CA ILE B 113 -17.00 -17.68 25.44
C ILE B 113 -17.14 -16.75 24.24
N GLY B 114 -17.43 -17.32 23.07
CA GLY B 114 -17.64 -16.58 21.81
C GLY B 114 -16.61 -17.00 20.80
N GLY B 115 -17.07 -17.58 19.68
CA GLY B 115 -16.19 -18.12 18.62
C GLY B 115 -16.14 -17.20 17.42
N GLY B 116 -15.86 -15.92 17.64
CA GLY B 116 -15.75 -14.93 16.55
C GLY B 116 -14.29 -14.60 16.30
N SER B 117 -13.98 -13.35 15.97
CA SER B 117 -12.65 -12.96 15.49
C SER B 117 -11.63 -13.10 16.62
N GLY B 118 -11.92 -12.55 17.81
CA GLY B 118 -11.02 -12.60 18.98
C GLY B 118 -10.98 -14.00 19.60
N GLY B 119 -12.16 -14.55 19.91
CA GLY B 119 -12.30 -15.87 20.54
C GLY B 119 -11.53 -16.97 19.83
N LEU B 120 -11.77 -17.16 18.52
CA LEU B 120 -11.14 -18.24 17.73
C LEU B 120 -9.64 -18.06 17.72
N ALA B 121 -9.20 -16.80 17.69
CA ALA B 121 -7.76 -16.45 17.54
C ALA B 121 -7.06 -16.85 18.85
N ALA B 122 -7.71 -16.49 19.95
CA ALA B 122 -7.18 -16.68 21.33
C ALA B 122 -7.23 -18.16 21.70
N GLY B 123 -8.21 -18.92 21.25
CA GLY B 123 -8.28 -20.37 21.51
C GLY B 123 -7.20 -21.15 20.77
N LYS B 124 -7.06 -20.91 19.45
CA LYS B 124 -6.08 -21.58 18.55
C LYS B 124 -4.69 -21.31 19.14
N GLU B 125 -4.41 -20.07 19.59
CA GLU B 125 -3.07 -19.68 20.11
C GLU B 125 -2.81 -20.37 21.46
N ALA B 126 -3.83 -20.52 22.31
CA ALA B 126 -3.65 -21.11 23.65
C ALA B 126 -3.21 -22.56 23.44
N ALA B 127 -3.90 -23.27 22.53
CA ALA B 127 -3.68 -24.70 22.25
C ALA B 127 -2.26 -24.90 21.70
N LYS B 128 -1.69 -23.93 21.00
CA LYS B 128 -0.29 -24.04 20.49
C LYS B 128 0.66 -24.30 21.67
N TYR B 129 0.39 -23.76 22.86
CA TYR B 129 1.30 -23.84 24.05
C TYR B 129 0.81 -24.83 25.09
N GLY B 130 -0.01 -25.82 24.66
CA GLY B 130 -0.43 -27.00 25.44
C GLY B 130 -1.70 -26.77 26.28
N ALA B 131 -2.41 -25.67 26.08
CA ALA B 131 -3.59 -25.33 26.91
C ALA B 131 -4.78 -26.20 26.52
N LYS B 132 -5.37 -26.90 27.50
CA LYS B 132 -6.61 -27.68 27.28
C LYS B 132 -7.72 -26.65 27.07
N THR B 133 -8.17 -26.45 25.83
CA THR B 133 -9.02 -25.28 25.43
C THR B 133 -10.41 -25.68 24.94
N ALA B 134 -11.42 -24.85 25.26
CA ALA B 134 -12.81 -24.94 24.74
C ALA B 134 -13.22 -23.59 24.14
N VAL B 135 -13.72 -23.59 22.91
CA VAL B 135 -14.45 -22.40 22.38
C VAL B 135 -15.95 -22.67 22.30
N LEU B 136 -16.75 -21.82 22.94
CA LEU B 136 -18.24 -21.83 22.90
C LEU B 136 -18.68 -20.81 21.86
N ASP B 137 -19.53 -21.19 20.91
CA ASP B 137 -20.17 -20.21 20.00
C ASP B 137 -21.64 -20.57 19.80
N TYR B 138 -22.50 -19.58 19.87
CA TYR B 138 -23.95 -19.70 19.62
C TYR B 138 -24.33 -18.41 18.95
N VAL B 139 -25.07 -18.51 17.86
CA VAL B 139 -25.60 -17.34 17.12
C VAL B 139 -27.08 -17.22 17.42
N GLU B 140 -27.46 -16.32 18.33
CA GLU B 140 -28.90 -16.05 18.56
C GLU B 140 -29.49 -15.47 17.29
N PRO B 141 -30.60 -16.00 16.77
CA PRO B 141 -31.22 -15.49 15.55
C PRO B 141 -31.75 -14.06 15.69
N THR B 142 -31.70 -13.34 14.57
CA THR B 142 -32.33 -12.01 14.36
C THR B 142 -33.85 -12.14 14.47
N PRO B 143 -34.59 -11.03 14.66
CA PRO B 143 -36.06 -11.07 14.65
C PRO B 143 -36.75 -11.85 13.52
N ILE B 144 -36.26 -11.84 12.27
CA ILE B 144 -36.90 -12.59 11.14
C ILE B 144 -36.40 -14.04 11.13
N GLY B 145 -35.46 -14.43 11.99
CA GLY B 145 -34.99 -15.82 12.16
C GLY B 145 -33.62 -16.09 11.55
N THR B 146 -32.98 -15.13 10.89
CA THR B 146 -31.67 -15.36 10.23
C THR B 146 -30.65 -15.92 11.25
N THR B 147 -29.87 -16.92 10.84
CA THR B 147 -28.79 -17.49 11.69
C THR B 147 -27.58 -17.89 10.81
N TRP B 148 -26.48 -18.37 11.37
CA TRP B 148 -25.23 -18.64 10.60
C TRP B 148 -24.22 -19.46 11.42
N GLY B 149 -23.11 -19.87 10.78
CA GLY B 149 -22.12 -20.80 11.36
C GLY B 149 -21.02 -20.13 12.17
N LEU B 150 -20.10 -20.96 12.63
CA LEU B 150 -18.87 -20.56 13.36
C LEU B 150 -18.13 -19.45 12.61
N GLY B 151 -17.57 -18.46 13.29
CA GLY B 151 -16.70 -17.44 12.66
C GLY B 151 -16.87 -16.03 13.22
N GLY B 152 -18.05 -15.70 13.75
CA GLY B 152 -18.33 -14.37 14.31
C GLY B 152 -18.94 -13.41 13.29
N THR B 153 -18.96 -12.14 13.63
CA THR B 153 -19.71 -11.09 12.92
C THR B 153 -19.03 -10.84 11.58
N CYS B 154 -17.71 -10.75 11.61
CA CYS B 154 -16.85 -10.36 10.47
C CYS B 154 -17.01 -11.41 9.37
N VAL B 155 -16.87 -12.70 9.74
CA VAL B 155 -16.89 -13.84 8.80
C VAL B 155 -18.26 -13.91 8.14
N ASN B 156 -19.34 -13.87 8.90
CA ASN B 156 -20.68 -14.21 8.34
C ASN B 156 -21.51 -12.98 8.02
N VAL B 157 -21.30 -11.88 8.73
CA VAL B 157 -22.22 -10.70 8.74
C VAL B 157 -21.43 -9.39 8.70
N GLY B 158 -20.15 -9.39 8.35
CA GLY B 158 -19.32 -8.17 8.48
C GLY B 158 -18.34 -7.97 7.33
N CYS B 159 -17.04 -7.97 7.65
CA CYS B 159 -15.94 -7.56 6.74
C CYS B 159 -16.02 -8.39 5.45
N ILE B 160 -16.08 -9.72 5.58
CA ILE B 160 -16.05 -10.68 4.43
C ILE B 160 -17.24 -10.45 3.47
N PRO B 161 -18.52 -10.69 3.84
CA PRO B 161 -19.61 -10.51 2.88
C PRO B 161 -19.68 -9.08 2.36
N LYS B 162 -19.41 -8.08 3.22
CA LYS B 162 -19.62 -6.66 2.83
C LYS B 162 -18.56 -6.29 1.80
N LYS B 163 -17.33 -6.71 1.97
CA LYS B 163 -16.29 -6.38 0.94
C LYS B 163 -16.58 -7.14 -0.35
N LEU B 164 -17.13 -8.36 -0.28
CA LEU B 164 -17.41 -9.16 -1.51
C LEU B 164 -18.50 -8.44 -2.28
N MET B 165 -19.45 -7.85 -1.59
CA MET B 165 -20.56 -7.14 -2.25
C MET B 165 -20.03 -5.80 -2.80
N HIS B 166 -19.08 -5.21 -2.08
CA HIS B 166 -18.36 -3.97 -2.48
C HIS B 166 -17.64 -4.23 -3.80
N GLN B 167 -16.98 -5.39 -3.89
CA GLN B 167 -16.28 -5.86 -5.11
C GLN B 167 -17.31 -6.02 -6.24
N ALA B 168 -18.46 -6.59 -5.95
CA ALA B 168 -19.54 -6.71 -6.94
C ALA B 168 -19.87 -5.30 -7.48
N GLY B 169 -19.85 -4.33 -6.57
CA GLY B 169 -20.15 -2.92 -6.85
C GLY B 169 -19.13 -2.32 -7.79
N LEU B 170 -17.84 -2.46 -7.45
CA LEU B 170 -16.70 -1.90 -8.21
C LEU B 170 -16.68 -2.46 -9.63
N LEU B 171 -17.04 -3.73 -9.81
CA LEU B 171 -16.95 -4.35 -11.13
C LEU B 171 -17.89 -3.63 -12.10
N SER B 172 -18.91 -2.95 -11.61
CA SER B 172 -19.76 -2.08 -12.45
C SER B 172 -18.90 -1.08 -13.23
N HIS B 173 -17.97 -0.45 -12.52
CA HIS B 173 -17.10 0.61 -13.08
C HIS B 173 -16.10 -0.03 -14.04
N ALA B 174 -15.55 -1.17 -13.64
CA ALA B 174 -14.72 -2.04 -14.49
C ALA B 174 -15.43 -2.30 -15.83
N LEU B 175 -16.71 -2.61 -15.83
CA LEU B 175 -17.45 -2.83 -17.12
C LEU B 175 -17.39 -1.53 -17.94
N GLU B 176 -17.73 -0.40 -17.34
CA GLU B 176 -17.60 0.95 -17.98
C GLU B 176 -16.15 1.18 -18.45
N ASP B 177 -15.15 1.07 -17.58
CA ASP B 177 -13.74 1.34 -17.93
C ASP B 177 -13.30 0.46 -19.12
N ALA B 178 -13.73 -0.80 -19.18
CA ALA B 178 -13.36 -1.74 -20.27
C ALA B 178 -13.71 -1.17 -21.65
N GLU B 179 -14.90 -0.64 -21.88
CA GLU B 179 -15.23 -0.08 -23.22
C GLU B 179 -14.16 0.92 -23.69
N HIS B 180 -13.73 1.83 -22.80
CA HIS B 180 -12.76 2.91 -23.08
C HIS B 180 -11.36 2.32 -23.32
N PHE B 181 -11.01 1.24 -22.62
CA PHE B 181 -9.72 0.55 -22.84
C PHE B 181 -9.77 -0.39 -24.04
N GLY B 182 -10.88 -0.41 -24.79
CA GLY B 182 -10.88 -1.03 -26.13
C GLY B 182 -11.65 -2.34 -26.17
N TRP B 183 -12.30 -2.73 -25.09
CA TRP B 183 -13.09 -3.99 -25.00
C TRP B 183 -14.50 -3.73 -25.55
N SER B 184 -15.09 -4.72 -26.22
CA SER B 184 -16.31 -4.52 -27.06
C SER B 184 -17.58 -4.96 -26.33
N LEU B 185 -17.89 -4.40 -25.17
CA LEU B 185 -19.16 -4.66 -24.43
C LEU B 185 -19.93 -3.35 -24.22
N ASP B 186 -21.26 -3.44 -24.23
CA ASP B 186 -22.16 -2.30 -23.90
C ASP B 186 -22.72 -2.49 -22.48
N ARG B 187 -22.15 -1.75 -21.50
CA ARG B 187 -22.60 -1.66 -20.08
C ARG B 187 -24.12 -1.56 -19.99
N SER B 188 -24.75 -0.84 -20.92
CA SER B 188 -26.21 -0.57 -20.93
C SER B 188 -27.00 -1.90 -21.06
N LYS B 189 -26.43 -2.95 -21.66
CA LYS B 189 -27.14 -4.25 -21.94
C LYS B 189 -26.75 -5.33 -20.91
N ILE B 190 -26.31 -4.94 -19.71
CA ILE B 190 -25.77 -5.86 -18.66
C ILE B 190 -26.41 -5.49 -17.32
N SER B 191 -27.14 -6.40 -16.70
CA SER B 191 -27.77 -6.23 -15.36
C SER B 191 -27.14 -7.20 -14.35
N HIS B 192 -27.51 -7.06 -13.08
CA HIS B 192 -26.93 -7.81 -11.93
C HIS B 192 -28.00 -8.71 -11.32
N ASN B 193 -27.62 -9.94 -10.97
CA ASN B 193 -28.54 -10.92 -10.32
C ASN B 193 -28.12 -11.02 -8.84
N TRP B 194 -28.92 -10.47 -7.95
CA TRP B 194 -28.65 -10.49 -6.49
C TRP B 194 -28.49 -11.94 -6.00
N SER B 195 -29.41 -12.84 -6.34
CA SER B 195 -29.36 -14.23 -5.84
CA SER B 195 -29.38 -14.24 -5.85
C SER B 195 -28.04 -14.89 -6.23
N THR B 196 -27.61 -14.79 -7.50
CA THR B 196 -26.33 -15.39 -7.97
C THR B 196 -25.20 -14.95 -7.03
N MET B 197 -25.11 -13.63 -6.83
CA MET B 197 -24.10 -12.99 -5.96
C MET B 197 -24.14 -13.60 -4.53
N VAL B 198 -25.32 -13.64 -3.89
CA VAL B 198 -25.53 -14.09 -2.48
C VAL B 198 -25.12 -15.57 -2.38
N GLU B 199 -25.51 -16.38 -3.38
CA GLU B 199 -25.13 -17.81 -3.50
C GLU B 199 -23.60 -17.95 -3.36
N GLY B 200 -22.83 -17.19 -4.17
CA GLY B 200 -21.36 -17.24 -4.17
C GLY B 200 -20.75 -16.75 -2.87
N VAL B 201 -21.26 -15.65 -2.32
CA VAL B 201 -20.80 -15.08 -1.03
C VAL B 201 -21.07 -16.11 0.09
N GLN B 202 -22.25 -16.71 0.11
CA GLN B 202 -22.63 -17.65 1.20
C GLN B 202 -21.77 -18.93 1.06
N SER B 203 -21.56 -19.40 -0.15
CA SER B 203 -20.62 -20.49 -0.47
C SER B 203 -19.25 -20.24 0.19
N HIS B 204 -18.67 -19.07 -0.02
CA HIS B 204 -17.40 -18.68 0.62
C HIS B 204 -17.49 -18.70 2.16
N ILE B 205 -18.55 -18.11 2.73
CA ILE B 205 -18.78 -18.10 4.21
C ILE B 205 -18.88 -19.54 4.72
N GLY B 206 -19.65 -20.39 4.04
CA GLY B 206 -19.78 -21.81 4.39
C GLY B 206 -18.40 -22.45 4.48
N SER B 207 -17.52 -22.18 3.52
CA SER B 207 -16.13 -22.69 3.53
C SER B 207 -15.30 -22.09 4.66
N LEU B 208 -15.47 -20.83 5.05
CA LEU B 208 -14.84 -20.30 6.29
C LEU B 208 -15.47 -20.96 7.54
N ASN B 209 -16.80 -21.12 7.60
CA ASN B 209 -17.46 -21.80 8.75
C ASN B 209 -16.73 -23.12 9.00
N TRP B 210 -16.62 -23.92 7.93
CA TRP B 210 -16.07 -25.28 8.00
C TRP B 210 -14.58 -25.20 8.33
N GLY B 211 -13.87 -24.32 7.61
CA GLY B 211 -12.46 -24.01 7.84
C GLY B 211 -12.19 -23.78 9.32
N TYR B 212 -13.04 -23.02 9.99
CA TYR B 212 -12.75 -22.64 11.39
C TYR B 212 -13.01 -23.87 12.26
N LYS B 213 -14.10 -24.60 12.00
CA LYS B 213 -14.47 -25.81 12.75
C LYS B 213 -13.33 -26.83 12.76
N VAL B 214 -12.68 -27.01 11.60
CA VAL B 214 -11.53 -27.93 11.39
C VAL B 214 -10.26 -27.40 12.06
N ALA B 215 -9.94 -26.12 11.87
CA ALA B 215 -8.75 -25.47 12.47
C ALA B 215 -8.76 -25.77 13.97
N LEU B 216 -9.94 -25.68 14.60
CA LEU B 216 -10.09 -25.95 16.05
C LEU B 216 -9.83 -27.45 16.29
N ARG B 217 -10.50 -28.33 15.54
CA ARG B 217 -10.36 -29.79 15.73
C ARG B 217 -8.88 -30.17 15.56
N ASP B 218 -8.26 -29.79 14.45
CA ASP B 218 -6.83 -30.00 14.14
C ASP B 218 -5.93 -29.59 15.32
N ASN B 219 -6.14 -28.43 15.94
CA ASN B 219 -5.31 -27.98 17.09
C ASN B 219 -5.78 -28.52 18.46
N GLN B 220 -6.54 -29.63 18.52
CA GLN B 220 -7.13 -30.24 19.78
C GLN B 220 -7.88 -29.17 20.62
N VAL B 221 -8.64 -28.27 19.99
CA VAL B 221 -9.56 -27.34 20.70
C VAL B 221 -10.97 -27.92 20.62
N THR B 222 -11.67 -27.95 21.75
CA THR B 222 -13.02 -28.52 21.93
C THR B 222 -14.00 -27.41 21.56
N TYR B 223 -14.53 -27.40 20.34
CA TYR B 223 -15.63 -26.50 19.91
C TYR B 223 -16.97 -27.05 20.46
N LEU B 224 -17.70 -26.24 21.23
CA LEU B 224 -19.10 -26.55 21.64
C LEU B 224 -20.04 -25.50 21.05
N ASN B 225 -21.01 -25.93 20.25
CA ASN B 225 -22.07 -25.05 19.69
C ASN B 225 -23.07 -24.81 20.83
N ALA B 226 -22.82 -23.83 21.69
CA ALA B 226 -23.56 -23.68 22.96
C ALA B 226 -23.53 -22.22 23.45
N LYS B 227 -24.64 -21.77 24.05
CA LYS B 227 -24.73 -20.48 24.78
C LYS B 227 -23.97 -20.69 26.08
N GLY B 228 -22.90 -19.91 26.28
CA GLY B 228 -22.07 -19.96 27.50
C GLY B 228 -22.42 -18.87 28.49
N ARG B 229 -22.28 -19.18 29.78
CA ARG B 229 -22.66 -18.27 30.88
C ARG B 229 -21.71 -18.47 32.06
N LEU B 230 -21.11 -17.39 32.52
CA LEU B 230 -20.16 -17.41 33.66
C LEU B 230 -20.98 -17.31 34.96
N ILE B 231 -21.16 -18.42 35.68
CA ILE B 231 -22.01 -18.46 36.91
C ILE B 231 -21.11 -18.27 38.12
N SER B 232 -19.78 -18.41 37.94
CA SER B 232 -18.74 -18.19 38.97
C SER B 232 -17.36 -18.17 38.31
N PRO B 233 -16.27 -17.81 39.03
CA PRO B 233 -15.00 -17.47 38.37
C PRO B 233 -14.37 -18.59 37.53
N HIS B 234 -14.59 -19.86 37.84
CA HIS B 234 -14.02 -21.01 37.10
C HIS B 234 -15.12 -21.84 36.43
N GLU B 235 -16.39 -21.67 36.84
CA GLU B 235 -17.55 -22.43 36.32
C GLU B 235 -18.19 -21.67 35.16
N VAL B 236 -18.37 -22.35 34.04
CA VAL B 236 -19.14 -21.83 32.87
C VAL B 236 -20.34 -22.75 32.66
N GLN B 237 -21.54 -22.19 32.69
CA GLN B 237 -22.80 -22.93 32.43
C GLN B 237 -23.08 -22.89 30.93
N ILE B 238 -23.12 -24.05 30.28
CA ILE B 238 -23.43 -24.16 28.82
C ILE B 238 -24.86 -24.67 28.64
N THR B 239 -25.50 -24.25 27.55
CA THR B 239 -26.87 -24.62 27.13
C THR B 239 -26.85 -24.96 25.63
N ASP B 240 -26.94 -26.26 25.25
CA ASP B 240 -26.82 -26.71 23.84
C ASP B 240 -28.17 -26.55 23.12
N LYS B 241 -28.21 -26.91 21.83
CA LYS B 241 -29.40 -26.75 20.94
C LYS B 241 -30.60 -27.55 21.50
N ASN B 242 -30.37 -28.52 22.36
CA ASN B 242 -31.44 -29.37 22.96
C ASN B 242 -31.89 -28.80 24.31
N GLN B 243 -31.35 -27.66 24.75
CA GLN B 243 -31.65 -27.07 26.09
C GLN B 243 -31.06 -27.93 27.22
N LYS B 244 -30.06 -28.78 26.93
CA LYS B 244 -29.32 -29.59 27.94
C LYS B 244 -28.27 -28.69 28.61
N VAL B 245 -28.48 -28.40 29.89
CA VAL B 245 -27.76 -27.37 30.69
C VAL B 245 -26.76 -28.08 31.60
N SER B 246 -25.48 -28.03 31.28
CA SER B 246 -24.36 -28.65 32.04
C SER B 246 -23.35 -27.56 32.41
N THR B 247 -22.35 -27.92 33.22
CA THR B 247 -21.27 -27.01 33.72
C THR B 247 -19.91 -27.56 33.27
N ILE B 248 -18.98 -26.67 32.91
CA ILE B 248 -17.55 -27.04 32.68
C ILE B 248 -16.70 -26.01 33.41
N THR B 249 -15.58 -26.46 33.99
CA THR B 249 -14.63 -25.65 34.79
C THR B 249 -13.46 -25.23 33.89
N GLY B 250 -12.98 -23.99 34.07
CA GLY B 250 -11.76 -23.48 33.41
C GLY B 250 -10.89 -22.69 34.37
N ASN B 251 -9.58 -22.73 34.17
CA ASN B 251 -8.59 -21.97 34.97
C ASN B 251 -8.68 -20.49 34.57
N LYS B 252 -8.46 -20.18 33.29
CA LYS B 252 -8.65 -18.82 32.74
C LYS B 252 -9.88 -18.80 31.83
N ILE B 253 -10.65 -17.72 31.90
CA ILE B 253 -11.93 -17.52 31.15
C ILE B 253 -11.74 -16.29 30.26
N ILE B 254 -11.92 -16.41 28.96
CA ILE B 254 -11.88 -15.20 28.06
C ILE B 254 -13.28 -14.91 27.54
N LEU B 255 -13.84 -13.73 27.85
CA LEU B 255 -15.16 -13.27 27.31
C LEU B 255 -14.90 -12.63 25.94
N ALA B 256 -15.60 -13.07 24.92
CA ALA B 256 -15.40 -12.61 23.53
C ALA B 256 -16.71 -12.72 22.75
N THR B 257 -17.79 -12.21 23.37
CA THR B 257 -19.21 -12.41 22.98
C THR B 257 -19.67 -11.38 21.96
N GLY B 258 -18.89 -10.30 21.75
CA GLY B 258 -19.17 -9.23 20.78
C GLY B 258 -20.51 -8.55 20.97
N GLU B 259 -21.04 -7.99 19.88
CA GLU B 259 -22.21 -7.08 19.86
C GLU B 259 -23.19 -7.52 18.77
N ARG B 260 -24.39 -6.97 18.80
CA ARG B 260 -25.42 -7.22 17.77
C ARG B 260 -26.03 -5.87 17.43
N PRO B 261 -26.75 -5.73 16.30
CA PRO B 261 -27.33 -4.44 15.91
C PRO B 261 -28.35 -3.93 16.93
N LYS B 262 -28.32 -2.64 17.22
CA LYS B 262 -29.42 -1.91 17.92
C LYS B 262 -30.61 -1.73 16.97
N TYR B 263 -31.84 -1.67 17.48
CA TYR B 263 -33.00 -1.12 16.72
C TYR B 263 -33.52 0.15 17.41
N PRO B 264 -33.92 1.20 16.65
CA PRO B 264 -34.56 2.36 17.27
C PRO B 264 -35.86 1.93 17.97
N GLU B 265 -36.18 2.53 19.13
CA GLU B 265 -37.50 2.34 19.80
C GLU B 265 -38.55 3.19 19.11
N ILE B 266 -39.00 2.74 17.93
CA ILE B 266 -40.16 3.30 17.18
C ILE B 266 -41.01 2.14 16.70
N PRO B 267 -42.35 2.33 16.52
CA PRO B 267 -43.24 1.26 16.08
C PRO B 267 -42.79 0.76 14.71
N GLY B 268 -42.76 -0.56 14.51
CA GLY B 268 -42.51 -1.17 13.20
C GLY B 268 -41.04 -1.49 12.91
N ALA B 269 -40.09 -0.98 13.70
CA ALA B 269 -38.64 -1.14 13.43
C ALA B 269 -38.30 -2.64 13.45
N VAL B 270 -38.54 -3.30 14.59
CA VAL B 270 -38.22 -4.73 14.79
C VAL B 270 -39.09 -5.58 13.85
N GLU B 271 -40.37 -5.24 13.68
CA GLU B 271 -41.36 -6.05 12.93
C GLU B 271 -41.06 -6.06 11.42
N TYR B 272 -40.76 -4.91 10.81
CA TYR B 272 -40.92 -4.66 9.35
C TYR B 272 -39.57 -4.40 8.67
N GLY B 273 -38.54 -4.05 9.43
CA GLY B 273 -37.20 -3.67 8.90
C GLY B 273 -36.16 -4.67 9.34
N ILE B 274 -34.95 -4.55 8.77
CA ILE B 274 -33.84 -5.55 8.92
C ILE B 274 -32.56 -4.81 9.32
N THR B 275 -31.49 -5.53 9.57
CA THR B 275 -30.11 -4.98 9.76
C THR B 275 -29.08 -5.67 8.86
N SER B 276 -27.82 -5.27 9.00
CA SER B 276 -26.64 -5.91 8.38
C SER B 276 -26.70 -7.43 8.61
N ASP B 277 -27.13 -7.86 9.80
CA ASP B 277 -27.18 -9.31 10.14
C ASP B 277 -28.00 -10.06 9.08
N ASP B 278 -29.08 -9.46 8.54
CA ASP B 278 -30.08 -10.10 7.64
C ASP B 278 -29.71 -9.90 6.17
N LEU B 279 -29.00 -8.81 5.88
CA LEU B 279 -28.80 -8.33 4.49
C LEU B 279 -27.98 -9.37 3.72
N PHE B 280 -26.90 -9.86 4.32
CA PHE B 280 -25.85 -10.62 3.60
C PHE B 280 -26.31 -12.03 3.22
N SER B 281 -27.48 -12.50 3.64
CA SER B 281 -28.06 -13.79 3.18
C SER B 281 -29.46 -13.55 2.60
N LEU B 282 -29.87 -12.30 2.52
CA LEU B 282 -31.23 -11.94 2.05
C LEU B 282 -31.54 -12.63 0.73
N PRO B 283 -32.63 -13.41 0.63
CA PRO B 283 -32.96 -14.14 -0.59
C PRO B 283 -33.60 -13.32 -1.72
N TYR B 284 -33.81 -12.03 -1.51
CA TYR B 284 -34.40 -11.20 -2.58
C TYR B 284 -33.66 -9.86 -2.60
N PHE B 285 -33.52 -9.29 -3.79
CA PHE B 285 -32.90 -7.94 -3.91
C PHE B 285 -33.74 -6.96 -3.08
N PRO B 286 -33.16 -6.13 -2.19
CA PRO B 286 -33.93 -5.15 -1.42
C PRO B 286 -34.76 -4.18 -2.25
N GLY B 287 -34.36 -3.91 -3.49
CA GLY B 287 -35.05 -2.94 -4.35
C GLY B 287 -34.95 -1.55 -3.73
N LYS B 288 -36.01 -0.74 -3.82
CA LYS B 288 -35.93 0.67 -3.33
C LYS B 288 -35.72 0.63 -1.82
N THR B 289 -34.57 1.11 -1.37
CA THR B 289 -34.06 0.86 -0.01
C THR B 289 -33.81 2.17 0.72
N LEU B 290 -34.17 2.22 2.00
CA LEU B 290 -33.75 3.27 2.97
C LEU B 290 -32.73 2.67 3.96
N VAL B 291 -31.54 3.26 4.07
CA VAL B 291 -30.59 2.99 5.19
C VAL B 291 -30.74 4.11 6.21
N ILE B 292 -31.08 3.77 7.44
CA ILE B 292 -31.14 4.71 8.59
C ILE B 292 -29.80 4.58 9.32
N GLY B 293 -29.07 5.69 9.47
CA GLY B 293 -27.71 5.69 10.02
C GLY B 293 -26.71 6.23 9.00
N ALA B 294 -25.49 6.54 9.46
CA ALA B 294 -24.47 7.26 8.68
C ALA B 294 -23.07 6.80 9.06
N SER B 295 -22.97 5.71 9.82
CA SER B 295 -21.74 5.00 10.22
C SER B 295 -21.09 4.33 8.99
N TYR B 296 -19.90 3.73 9.11
CA TYR B 296 -19.29 3.00 7.97
C TYR B 296 -20.23 1.92 7.46
N VAL B 297 -20.99 1.24 8.31
CA VAL B 297 -21.92 0.15 7.86
C VAL B 297 -22.96 0.76 6.93
N ALA B 298 -23.57 1.86 7.32
CA ALA B 298 -24.73 2.44 6.61
C ALA B 298 -24.32 2.82 5.19
N LEU B 299 -23.19 3.50 5.03
CA LEU B 299 -22.78 4.12 3.74
C LEU B 299 -22.10 3.05 2.86
N GLU B 300 -21.35 2.12 3.48
CA GLU B 300 -20.84 0.89 2.83
C GLU B 300 -22.01 0.15 2.19
N CYS B 301 -23.07 -0.10 2.95
CA CYS B 301 -24.22 -0.89 2.44
C CYS B 301 -24.97 -0.07 1.39
N ALA B 302 -25.22 1.22 1.64
CA ALA B 302 -25.93 2.11 0.68
C ALA B 302 -25.15 2.12 -0.65
N GLY B 303 -23.82 2.24 -0.58
CA GLY B 303 -22.91 2.32 -1.73
C GLY B 303 -23.01 1.11 -2.64
N PHE B 304 -22.91 -0.09 -2.08
CA PHE B 304 -22.91 -1.31 -2.92
C PHE B 304 -24.33 -1.53 -3.46
N LEU B 305 -25.38 -1.29 -2.69
CA LEU B 305 -26.78 -1.49 -3.18
C LEU B 305 -27.03 -0.63 -4.43
N ALA B 306 -26.54 0.60 -4.41
CA ALA B 306 -26.77 1.60 -5.48
C ALA B 306 -26.03 1.14 -6.73
N SER B 307 -24.78 0.71 -6.56
CA SER B 307 -23.90 0.18 -7.63
C SER B 307 -24.51 -1.05 -8.30
N LEU B 308 -25.34 -1.83 -7.60
CA LEU B 308 -26.03 -3.03 -8.12
C LEU B 308 -27.45 -2.68 -8.58
N GLY B 309 -27.67 -1.45 -9.06
CA GLY B 309 -28.94 -0.97 -9.65
C GLY B 309 -30.08 -0.81 -8.64
N GLY B 310 -29.78 -0.58 -7.37
CA GLY B 310 -30.79 -0.28 -6.35
C GLY B 310 -31.17 1.19 -6.33
N ASP B 311 -32.38 1.53 -5.85
CA ASP B 311 -32.83 2.92 -5.64
C ASP B 311 -32.61 3.26 -4.15
N VAL B 312 -31.53 3.95 -3.82
CA VAL B 312 -31.03 3.99 -2.41
C VAL B 312 -31.07 5.40 -1.80
N THR B 313 -31.58 5.50 -0.59
CA THR B 313 -31.65 6.74 0.20
C THR B 313 -31.04 6.46 1.58
N VAL B 314 -30.23 7.39 2.09
CA VAL B 314 -29.64 7.33 3.45
C VAL B 314 -30.27 8.42 4.30
N MET B 315 -30.86 8.06 5.44
CA MET B 315 -31.42 9.05 6.40
C MET B 315 -30.36 9.29 7.47
N VAL B 316 -29.89 10.53 7.61
CA VAL B 316 -28.72 10.93 8.44
C VAL B 316 -29.23 11.77 9.60
N ARG B 317 -29.07 11.32 10.84
CA ARG B 317 -29.52 12.10 12.03
C ARG B 317 -28.69 13.40 12.10
N SER B 318 -27.36 13.33 12.08
CA SER B 318 -26.51 14.54 12.18
C SER B 318 -25.48 14.58 11.05
N ILE B 319 -24.37 13.85 11.17
CA ILE B 319 -23.22 13.98 10.23
C ILE B 319 -22.88 12.59 9.69
N LEU B 320 -22.04 12.52 8.63
CA LEU B 320 -21.57 11.25 8.08
C LEU B 320 -20.33 10.80 8.87
N LEU B 321 -20.16 9.47 9.05
CA LEU B 321 -19.02 8.83 9.74
C LEU B 321 -18.65 9.64 11.00
N ARG B 322 -19.56 9.84 11.94
CA ARG B 322 -19.16 10.37 13.26
C ARG B 322 -17.94 9.59 13.79
N GLY B 323 -16.95 10.35 14.30
CA GLY B 323 -15.67 9.85 14.86
C GLY B 323 -14.54 9.89 13.83
N PHE B 324 -14.86 10.09 12.55
CA PHE B 324 -13.84 10.20 11.48
C PHE B 324 -13.70 11.68 11.10
N ASP B 325 -12.52 12.03 10.60
CA ASP B 325 -12.22 13.34 10.00
C ASP B 325 -13.39 13.78 9.11
N GLN B 326 -13.99 14.91 9.38
CA GLN B 326 -15.27 15.28 8.74
C GLN B 326 -15.06 15.84 7.33
N GLN B 327 -13.88 16.34 7.00
CA GLN B 327 -13.57 16.81 5.63
C GLN B 327 -13.65 15.56 4.75
N MET B 328 -13.02 14.49 5.22
CA MET B 328 -12.97 13.22 4.48
C MET B 328 -14.39 12.62 4.42
N ALA B 329 -15.14 12.67 5.52
CA ALA B 329 -16.53 12.16 5.57
C ALA B 329 -17.38 12.88 4.54
N GLU B 330 -17.22 14.20 4.45
CA GLU B 330 -18.03 15.01 3.52
C GLU B 330 -17.63 14.63 2.10
N LYS B 331 -16.35 14.38 1.84
CA LYS B 331 -15.90 14.05 0.45
C LYS B 331 -16.43 12.65 0.05
N VAL B 332 -16.47 11.72 1.01
CA VAL B 332 -17.01 10.34 0.79
C VAL B 332 -18.50 10.51 0.39
N GLY B 333 -19.25 11.27 1.16
CA GLY B 333 -20.68 11.51 0.89
C GLY B 333 -20.92 12.16 -0.45
N ASP B 334 -20.08 13.14 -0.85
CA ASP B 334 -20.28 13.87 -2.15
C ASP B 334 -20.04 12.86 -3.29
N TYR B 335 -19.08 11.97 -3.14
CA TYR B 335 -18.85 10.94 -4.17
C TYR B 335 -20.17 10.16 -4.34
N MET B 336 -20.68 9.62 -3.24
CA MET B 336 -21.88 8.76 -3.21
C MET B 336 -23.07 9.55 -3.77
N GLU B 337 -23.17 10.81 -3.43
CA GLU B 337 -24.26 11.65 -3.98
C GLU B 337 -24.12 11.85 -5.51
N ASN B 338 -22.92 12.03 -6.07
CA ASN B 338 -22.79 12.17 -7.55
C ASN B 338 -22.81 10.77 -8.20
N HIS B 339 -22.88 9.69 -7.42
CA HIS B 339 -22.95 8.31 -7.96
C HIS B 339 -24.18 7.56 -7.45
N GLY B 340 -25.37 8.19 -7.45
CA GLY B 340 -26.67 7.48 -7.33
C GLY B 340 -27.22 7.31 -5.92
N VAL B 341 -26.53 7.70 -4.86
CA VAL B 341 -27.09 7.57 -3.47
C VAL B 341 -27.69 8.92 -3.13
N LYS B 342 -28.98 8.95 -2.73
CA LYS B 342 -29.63 10.16 -2.21
C LYS B 342 -29.49 10.18 -0.69
N PHE B 343 -29.46 11.38 -0.11
CA PHE B 343 -29.40 11.62 1.34
C PHE B 343 -30.56 12.52 1.80
N ALA B 344 -31.20 12.08 2.88
CA ALA B 344 -32.09 12.84 3.76
C ALA B 344 -31.27 13.29 4.96
N LYS B 345 -30.76 14.54 4.94
CA LYS B 345 -29.89 15.14 5.98
C LYS B 345 -30.72 15.74 7.12
N LEU B 346 -30.30 15.50 8.36
CA LEU B 346 -30.90 16.11 9.58
C LEU B 346 -32.30 15.53 9.82
N CYS B 347 -32.42 14.21 9.76
CA CYS B 347 -33.71 13.47 9.66
C CYS B 347 -33.65 12.23 10.54
N VAL B 348 -34.73 11.91 11.26
CA VAL B 348 -34.86 10.67 12.06
C VAL B 348 -36.21 10.00 11.75
N PRO B 349 -36.27 8.66 11.88
CA PRO B 349 -37.51 7.90 11.65
C PRO B 349 -38.40 7.94 12.89
N ASP B 350 -39.71 8.14 12.68
CA ASP B 350 -40.74 8.15 13.76
C ASP B 350 -41.54 6.86 13.72
N GLU B 351 -41.74 6.27 12.54
CA GLU B 351 -42.69 5.15 12.36
C GLU B 351 -42.36 4.36 11.10
N ILE B 352 -42.39 3.01 11.18
CA ILE B 352 -42.38 2.09 9.99
C ILE B 352 -43.74 1.41 9.94
N LYS B 353 -44.51 1.69 8.89
CA LYS B 353 -45.87 1.16 8.63
C LYS B 353 -45.74 0.20 7.44
N GLN B 354 -46.56 -0.86 7.41
CA GLN B 354 -46.46 -1.94 6.41
C GLN B 354 -47.61 -1.82 5.40
N LEU B 355 -47.29 -1.77 4.10
CA LEU B 355 -48.31 -1.68 3.01
C LEU B 355 -48.46 -3.04 2.32
N LYS B 356 -47.35 -3.74 2.08
CA LYS B 356 -47.31 -5.13 1.57
CA LYS B 356 -47.39 -5.15 1.64
C LYS B 356 -46.39 -5.98 2.45
N VAL B 357 -46.79 -7.22 2.74
CA VAL B 357 -45.97 -8.24 3.45
C VAL B 357 -44.93 -8.77 2.45
N VAL B 358 -43.81 -9.30 2.96
CA VAL B 358 -42.71 -9.86 2.12
C VAL B 358 -43.29 -11.02 1.30
N ASP B 359 -43.04 -11.02 -0.02
CA ASP B 359 -43.53 -12.01 -1.01
C ASP B 359 -42.55 -13.19 -1.11
N THR B 360 -42.65 -14.13 -0.16
CA THR B 360 -41.81 -15.34 -0.06
C THR B 360 -42.09 -16.22 -1.29
N GLU B 361 -43.31 -16.15 -1.84
CA GLU B 361 -43.74 -16.86 -3.09
C GLU B 361 -42.78 -16.52 -4.25
N ASN B 362 -42.47 -15.24 -4.48
CA ASN B 362 -41.79 -14.82 -5.73
C ASN B 362 -40.39 -14.26 -5.46
N ASN B 363 -39.90 -14.38 -4.22
CA ASN B 363 -38.63 -13.80 -3.70
C ASN B 363 -38.46 -12.33 -4.13
N LYS B 364 -39.52 -11.52 -3.99
CA LYS B 364 -39.46 -10.03 -4.05
C LYS B 364 -39.77 -9.48 -2.65
N PRO B 365 -39.32 -8.25 -2.31
CA PRO B 365 -39.63 -7.67 -1.01
C PRO B 365 -41.09 -7.18 -0.91
N GLY B 366 -41.50 -6.76 0.29
CA GLY B 366 -42.80 -6.10 0.52
C GLY B 366 -42.73 -4.63 0.19
N LEU B 367 -43.48 -3.82 0.94
CA LEU B 367 -43.55 -2.35 0.76
C LEU B 367 -43.91 -1.71 2.10
N LEU B 368 -43.14 -0.69 2.48
CA LEU B 368 -43.21 0.00 3.79
C LEU B 368 -43.40 1.50 3.58
N LEU B 369 -44.06 2.13 4.53
CA LEU B 369 -44.17 3.61 4.60
C LEU B 369 -43.30 4.05 5.76
N VAL B 370 -42.31 4.89 5.49
CA VAL B 370 -41.48 5.54 6.54
C VAL B 370 -41.99 6.98 6.75
N LYS B 371 -42.49 7.21 7.97
CA LYS B 371 -42.81 8.55 8.51
C LYS B 371 -41.62 8.97 9.37
N GLY B 372 -41.09 10.17 9.12
CA GLY B 372 -40.03 10.77 9.97
C GLY B 372 -40.17 12.29 10.02
N HIS B 373 -39.08 12.96 10.43
CA HIS B 373 -39.06 14.43 10.59
C HIS B 373 -37.61 14.95 10.62
N TYR B 374 -37.44 16.15 10.07
CA TYR B 374 -36.18 16.91 9.99
C TYR B 374 -36.02 17.74 11.28
N THR B 375 -34.80 18.20 11.59
CA THR B 375 -34.48 18.95 12.85
C THR B 375 -35.25 20.28 12.92
N ASP B 376 -35.61 20.90 11.78
CA ASP B 376 -36.44 22.14 11.69
C ASP B 376 -37.93 21.84 11.89
N GLY B 377 -38.35 20.56 11.94
CA GLY B 377 -39.71 20.15 12.31
C GLY B 377 -40.55 19.63 11.15
N LYS B 378 -40.15 19.93 9.89
CA LYS B 378 -40.77 19.45 8.62
C LYS B 378 -40.97 17.92 8.60
N LYS B 379 -42.01 17.44 7.91
CA LYS B 379 -42.36 16.00 7.80
C LYS B 379 -41.54 15.31 6.72
N PHE B 380 -41.40 13.99 6.87
CA PHE B 380 -40.80 13.03 5.90
C PHE B 380 -41.78 11.88 5.71
N GLU B 381 -42.07 11.51 4.46
CA GLU B 381 -43.00 10.43 4.08
C GLU B 381 -42.63 9.94 2.67
N GLU B 382 -42.15 8.69 2.59
CA GLU B 382 -41.82 8.02 1.30
CA GLU B 382 -41.78 8.01 1.32
C GLU B 382 -41.98 6.50 1.47
N GLU B 383 -42.32 5.82 0.36
CA GLU B 383 -42.43 4.35 0.28
C GLU B 383 -41.00 3.81 0.08
N PHE B 384 -40.68 2.69 0.73
CA PHE B 384 -39.45 1.91 0.49
C PHE B 384 -39.82 0.43 0.50
N GLU B 385 -39.19 -0.35 -0.38
CA GLU B 385 -39.39 -1.81 -0.44
C GLU B 385 -38.71 -2.41 0.80
N THR B 386 -37.52 -1.91 1.15
CA THR B 386 -36.70 -2.43 2.28
C THR B 386 -36.14 -1.29 3.15
N VAL B 387 -36.04 -1.51 4.45
CA VAL B 387 -35.55 -0.50 5.44
C VAL B 387 -34.47 -1.16 6.30
N ILE B 388 -33.23 -0.70 6.18
CA ILE B 388 -32.08 -1.27 6.94
C ILE B 388 -31.68 -0.28 8.05
N PHE B 389 -31.73 -0.72 9.30
CA PHE B 389 -31.18 0.02 10.46
C PHE B 389 -29.68 -0.30 10.61
N ALA B 390 -28.88 0.76 10.62
CA ALA B 390 -27.46 0.77 10.98
C ALA B 390 -27.22 1.88 11.99
N VAL B 391 -27.78 1.80 13.18
CA VAL B 391 -27.77 2.97 14.11
C VAL B 391 -26.94 2.67 15.34
N GLY B 392 -26.13 1.64 15.28
CA GLY B 392 -25.18 1.24 16.33
C GLY B 392 -25.29 -0.25 16.60
N ARG B 393 -24.24 -0.79 17.24
CA ARG B 393 -24.21 -2.19 17.77
C ARG B 393 -24.09 -2.16 19.31
N GLU B 394 -24.61 -3.15 20.03
CA GLU B 394 -24.45 -3.20 21.52
C GLU B 394 -24.08 -4.59 22.04
N PRO B 395 -23.28 -4.59 23.13
CA PRO B 395 -22.89 -5.81 23.82
C PRO B 395 -24.23 -6.38 24.28
N GLN B 396 -24.45 -7.68 24.10
CA GLN B 396 -25.68 -8.38 24.56
C GLN B 396 -25.30 -9.17 25.82
N LEU B 397 -24.22 -8.75 26.46
CA LEU B 397 -23.64 -9.42 27.65
C LEU B 397 -24.67 -9.52 28.77
N SER B 398 -24.63 -10.63 29.53
CA SER B 398 -25.59 -10.77 30.65
C SER B 398 -25.38 -9.55 31.56
N LYS B 399 -26.48 -8.86 31.86
CA LYS B 399 -26.36 -7.57 32.58
C LYS B 399 -26.39 -7.76 34.10
N VAL B 400 -26.73 -8.96 34.62
CA VAL B 400 -26.77 -8.96 36.11
C VAL B 400 -25.83 -10.05 36.60
N LEU B 401 -25.63 -11.06 35.76
CA LEU B 401 -24.81 -12.27 35.98
C LEU B 401 -23.33 -11.86 36.19
N CYS B 402 -22.79 -11.10 35.24
CA CYS B 402 -21.43 -10.47 35.31
C CYS B 402 -21.35 -9.67 36.62
N GLU B 403 -22.47 -9.16 37.10
CA GLU B 403 -22.46 -8.48 38.42
C GLU B 403 -22.32 -9.54 39.52
N THR B 404 -23.12 -10.61 39.46
CA THR B 404 -23.10 -11.69 40.48
C THR B 404 -21.65 -12.17 40.65
N VAL B 405 -21.00 -12.37 39.51
CA VAL B 405 -19.59 -12.86 39.38
C VAL B 405 -18.63 -11.71 39.73
N GLY B 406 -19.08 -10.46 39.64
CA GLY B 406 -18.27 -9.28 39.99
C GLY B 406 -17.35 -8.90 38.85
N VAL B 407 -17.75 -9.11 37.60
CA VAL B 407 -17.10 -8.49 36.41
C VAL B 407 -17.79 -7.15 36.15
N LYS B 408 -17.13 -6.04 36.49
CA LYS B 408 -17.67 -4.67 36.27
C LYS B 408 -17.89 -4.47 34.77
N LEU B 409 -19.11 -4.05 34.40
CA LEU B 409 -19.51 -3.51 33.06
C LEU B 409 -19.64 -2.00 33.20
N ASP B 410 -19.32 -1.22 32.16
CA ASP B 410 -19.45 0.26 32.14
C ASP B 410 -20.93 0.61 31.88
N LYS B 411 -21.25 1.89 31.60
CA LYS B 411 -22.66 2.35 31.47
C LYS B 411 -23.27 1.80 30.19
N ASN B 412 -22.45 1.46 29.18
CA ASN B 412 -22.91 1.03 27.83
C ASN B 412 -22.94 -0.49 27.67
N GLY B 413 -22.73 -1.28 28.72
CA GLY B 413 -22.84 -2.74 28.65
C GLY B 413 -21.51 -3.42 28.43
N ARG B 414 -20.43 -2.63 28.27
CA ARG B 414 -19.10 -3.15 27.89
C ARG B 414 -18.29 -3.45 29.14
N VAL B 415 -17.37 -4.41 29.04
CA VAL B 415 -16.52 -4.90 30.16
C VAL B 415 -15.37 -3.91 30.37
N VAL B 416 -15.22 -3.43 31.60
CA VAL B 416 -14.08 -2.56 32.03
C VAL B 416 -12.89 -3.48 32.36
N CYS B 417 -11.86 -3.37 31.53
CA CYS B 417 -10.61 -4.18 31.58
C CYS B 417 -9.44 -3.26 31.82
N THR B 418 -8.37 -3.80 32.40
CA THR B 418 -7.03 -3.17 32.51
C THR B 418 -6.35 -3.28 31.13
N ASP B 419 -5.11 -2.80 31.02
CA ASP B 419 -4.42 -2.73 29.71
CA ASP B 419 -4.34 -2.72 29.75
C ASP B 419 -3.84 -4.12 29.35
N ASP B 420 -4.21 -5.11 30.16
CA ASP B 420 -3.79 -6.51 29.90
C ASP B 420 -5.04 -7.36 29.74
N GLU B 421 -6.14 -6.73 29.31
CA GLU B 421 -7.45 -7.35 28.95
C GLU B 421 -8.09 -7.98 30.19
N GLN B 422 -7.55 -7.71 31.39
CA GLN B 422 -8.04 -8.36 32.63
C GLN B 422 -9.30 -7.62 33.13
N THR B 423 -10.33 -8.38 33.48
CA THR B 423 -11.57 -7.86 34.11
C THR B 423 -11.28 -7.61 35.57
N THR B 424 -12.33 -7.34 36.35
CA THR B 424 -12.25 -7.11 37.82
C THR B 424 -12.20 -8.45 38.57
N VAL B 425 -12.26 -9.60 37.88
CA VAL B 425 -12.00 -10.96 38.45
C VAL B 425 -10.68 -11.50 37.88
N SER B 426 -9.71 -11.87 38.74
CA SER B 426 -8.26 -12.05 38.42
C SER B 426 -8.04 -13.07 37.31
N ASN B 427 -8.91 -14.08 37.21
CA ASN B 427 -8.71 -15.19 36.22
C ASN B 427 -9.56 -14.97 34.98
N VAL B 428 -10.39 -13.93 34.91
CA VAL B 428 -11.35 -13.70 33.77
C VAL B 428 -10.87 -12.50 32.93
N TYR B 429 -10.85 -12.65 31.60
CA TYR B 429 -10.37 -11.64 30.62
C TYR B 429 -11.49 -11.32 29.63
N ALA B 430 -11.38 -10.19 28.93
CA ALA B 430 -12.32 -9.74 27.88
C ALA B 430 -11.56 -9.18 26.67
N ILE B 431 -11.96 -9.62 25.48
CA ILE B 431 -11.33 -9.14 24.21
C ILE B 431 -12.39 -8.80 23.16
N GLY B 432 -11.98 -7.96 22.22
CA GLY B 432 -12.77 -7.65 21.02
C GLY B 432 -13.78 -6.58 21.35
N ASP B 433 -14.88 -6.53 20.60
CA ASP B 433 -15.85 -5.41 20.62
C ASP B 433 -16.43 -5.17 22.03
N ILE B 434 -16.44 -6.15 22.96
CA ILE B 434 -17.00 -5.95 24.33
C ILE B 434 -16.02 -5.24 25.27
N ASN B 435 -14.76 -5.11 24.87
CA ASN B 435 -13.70 -4.50 25.70
C ASN B 435 -13.85 -2.98 25.61
N ALA B 436 -14.41 -2.35 26.63
CA ALA B 436 -14.63 -0.89 26.72
C ALA B 436 -13.42 -0.12 26.18
N GLY B 437 -13.65 0.85 25.28
CA GLY B 437 -12.66 1.87 24.90
C GLY B 437 -11.79 1.47 23.74
N LYS B 438 -11.83 0.21 23.31
CA LYS B 438 -10.94 -0.31 22.24
C LYS B 438 -11.58 -0.11 20.88
N PRO B 439 -10.79 0.05 19.80
CA PRO B 439 -11.34 0.14 18.46
C PRO B 439 -12.02 -1.19 18.09
N GLN B 440 -13.24 -1.14 17.55
CA GLN B 440 -14.07 -2.35 17.31
C GLN B 440 -13.76 -2.87 15.91
N LEU B 441 -12.60 -3.51 15.77
CA LEU B 441 -12.01 -4.02 14.49
C LEU B 441 -11.49 -5.46 14.63
N THR B 442 -11.68 -6.32 13.61
CA THR B 442 -11.31 -7.77 13.59
C THR B 442 -9.81 -7.95 13.87
N PRO B 443 -8.88 -7.32 13.15
CA PRO B 443 -7.46 -7.53 13.41
C PRO B 443 -7.10 -7.09 14.84
N VAL B 444 -7.81 -6.11 15.41
CA VAL B 444 -7.57 -5.71 16.82
C VAL B 444 -8.06 -6.83 17.76
N ALA B 445 -9.22 -7.42 17.50
CA ALA B 445 -9.68 -8.61 18.26
C ALA B 445 -8.66 -9.76 18.12
N ILE B 446 -8.12 -10.01 16.92
CA ILE B 446 -7.14 -11.11 16.73
C ILE B 446 -5.87 -10.80 17.53
N GLN B 447 -5.23 -9.64 17.37
CA GLN B 447 -3.94 -9.32 18.04
C GLN B 447 -4.12 -9.44 19.58
N ALA B 448 -5.20 -8.86 20.10
CA ALA B 448 -5.57 -8.89 21.52
C ALA B 448 -5.56 -10.33 22.04
N GLY B 449 -6.28 -11.20 21.31
CA GLY B 449 -6.56 -12.59 21.68
C GLY B 449 -5.29 -13.40 21.72
N ARG B 450 -4.48 -13.31 20.66
CA ARG B 450 -3.19 -14.04 20.54
C ARG B 450 -2.23 -13.56 21.61
N TYR B 451 -2.08 -12.25 21.76
CA TYR B 451 -1.02 -11.69 22.62
C TYR B 451 -1.35 -12.05 24.08
N LEU B 452 -2.65 -12.17 24.40
CA LEU B 452 -3.17 -12.54 25.75
C LEU B 452 -2.85 -14.01 26.00
N ALA B 453 -3.10 -14.86 25.01
CA ALA B 453 -2.95 -16.32 25.16
C ALA B 453 -1.48 -16.64 25.43
N ARG B 454 -0.57 -15.97 24.70
CA ARG B 454 0.90 -16.04 24.92
C ARG B 454 1.24 -15.61 26.36
N ARG B 455 0.64 -14.53 26.85
CA ARG B 455 0.95 -13.98 28.19
C ARG B 455 0.46 -14.97 29.25
N LEU B 456 -0.63 -15.69 29.01
CA LEU B 456 -1.22 -16.64 29.99
C LEU B 456 -0.44 -17.95 30.00
N PHE B 457 -0.08 -18.47 28.83
CA PHE B 457 0.31 -19.88 28.64
C PHE B 457 1.77 -20.03 28.17
N ALA B 458 2.47 -18.96 27.76
CA ALA B 458 3.86 -19.01 27.24
C ALA B 458 4.77 -17.95 27.89
N GLY B 459 4.37 -17.37 29.04
CA GLY B 459 5.19 -16.43 29.83
C GLY B 459 5.56 -15.15 29.09
N ALA B 460 4.89 -14.84 27.96
CA ALA B 460 5.06 -13.55 27.22
C ALA B 460 4.70 -12.39 28.15
N THR B 461 5.26 -11.21 27.89
CA THR B 461 4.97 -9.92 28.59
C THR B 461 4.38 -8.90 27.59
N GLU B 462 4.47 -9.15 26.29
CA GLU B 462 4.00 -8.17 25.30
C GLU B 462 2.50 -7.95 25.41
N LEU B 463 2.12 -6.68 25.62
CA LEU B 463 0.76 -6.10 25.56
C LEU B 463 0.38 -5.76 24.11
N THR B 464 -0.90 -5.57 23.87
CA THR B 464 -1.41 -5.05 22.60
C THR B 464 -1.32 -3.54 22.61
N ASP B 465 -0.95 -2.95 21.47
CA ASP B 465 -0.95 -1.49 21.26
C ASP B 465 -2.22 -1.12 20.47
N TYR B 466 -3.20 -0.52 21.14
CA TYR B 466 -4.52 -0.09 20.57
C TYR B 466 -4.44 1.32 19.96
N SER B 467 -3.26 1.90 19.76
CA SER B 467 -3.14 3.30 19.28
C SER B 467 -2.83 3.33 17.77
N ASN B 468 -3.37 4.33 17.06
CA ASN B 468 -3.09 4.55 15.61
C ASN B 468 -3.37 3.26 14.82
N VAL B 469 -4.49 2.63 15.14
CA VAL B 469 -4.96 1.47 14.37
C VAL B 469 -5.70 2.03 13.15
N ALA B 470 -5.09 1.82 11.97
CA ALA B 470 -5.59 2.23 10.67
C ALA B 470 -6.94 1.57 10.45
N THR B 471 -7.73 2.19 9.59
CA THR B 471 -9.10 1.79 9.19
C THR B 471 -9.26 2.00 7.68
N THR B 472 -10.30 1.44 7.10
CA THR B 472 -10.67 1.70 5.70
C THR B 472 -12.16 1.50 5.62
N VAL B 473 -12.83 2.54 5.15
CA VAL B 473 -14.28 2.55 4.85
C VAL B 473 -14.37 2.22 3.36
N PHE B 474 -15.04 1.11 3.05
CA PHE B 474 -15.15 0.50 1.70
C PHE B 474 -16.40 1.08 1.04
N THR B 475 -16.51 2.39 1.11
CA THR B 475 -17.50 3.20 0.34
C THR B 475 -17.11 3.09 -1.13
N PRO B 476 -18.04 3.34 -2.09
CA PRO B 476 -17.72 3.13 -3.50
C PRO B 476 -16.35 3.71 -3.86
N LEU B 477 -16.05 4.90 -3.36
CA LEU B 477 -14.67 5.44 -3.27
C LEU B 477 -14.18 5.28 -1.82
N GLU B 478 -13.12 4.51 -1.63
CA GLU B 478 -12.66 4.02 -0.33
C GLU B 478 -11.94 5.15 0.40
N TYR B 479 -12.07 5.18 1.73
CA TYR B 479 -11.41 6.15 2.64
C TYR B 479 -10.57 5.37 3.68
N GLY B 480 -9.24 5.39 3.50
CA GLY B 480 -8.27 4.84 4.47
C GLY B 480 -7.80 5.93 5.42
N ALA B 481 -7.47 5.60 6.66
CA ALA B 481 -6.93 6.58 7.63
C ALA B 481 -6.06 5.87 8.67
N CYS B 482 -5.15 6.61 9.26
CA CYS B 482 -4.31 6.14 10.38
C CYS B 482 -3.97 7.32 11.30
N GLY B 483 -4.60 7.34 12.48
CA GLY B 483 -4.30 8.29 13.55
C GLY B 483 -5.35 9.36 13.58
N LEU B 484 -4.94 10.59 13.91
CA LEU B 484 -5.85 11.67 14.29
C LEU B 484 -6.53 12.27 13.06
N SER B 485 -7.83 12.55 13.16
CA SER B 485 -8.55 13.48 12.27
C SER B 485 -7.85 14.83 12.40
N GLU B 486 -7.89 15.67 11.36
CA GLU B 486 -7.37 17.06 11.38
C GLU B 486 -7.97 17.80 12.59
N GLU B 487 -9.29 17.73 12.75
CA GLU B 487 -9.99 18.50 13.82
C GLU B 487 -9.49 18.05 15.21
N ASP B 488 -9.29 16.74 15.43
CA ASP B 488 -8.81 16.20 16.74
C ASP B 488 -7.39 16.71 17.02
N ALA B 489 -6.50 16.68 16.03
CA ALA B 489 -5.10 17.15 16.17
C ALA B 489 -5.09 18.66 16.55
N ILE B 490 -5.93 19.48 15.88
CA ILE B 490 -6.04 20.96 16.11
C ILE B 490 -6.54 21.21 17.55
N GLU B 491 -7.56 20.48 18.03
CA GLU B 491 -8.08 20.59 19.41
C GLU B 491 -6.99 20.25 20.42
N LYS B 492 -6.19 19.22 20.19
CA LYS B 492 -5.19 18.73 21.18
C LYS B 492 -3.94 19.63 21.19
N TYR B 493 -3.39 20.03 20.04
CA TYR B 493 -2.06 20.71 19.99
C TYR B 493 -2.15 22.23 19.71
N GLY B 494 -3.33 22.73 19.30
CA GLY B 494 -3.53 24.11 18.82
C GLY B 494 -3.20 24.25 17.34
N ASP B 495 -3.99 25.07 16.63
CA ASP B 495 -3.86 25.34 15.17
C ASP B 495 -2.45 25.84 14.77
N LYS B 496 -1.78 26.68 15.59
CA LYS B 496 -0.44 27.22 15.25
C LYS B 496 0.54 26.05 15.06
N ASP B 497 0.33 24.95 15.77
CA ASP B 497 1.28 23.80 15.82
C ASP B 497 0.89 22.71 14.81
N ILE B 498 -0.18 22.89 14.03
CA ILE B 498 -0.66 21.87 13.06
C ILE B 498 -0.36 22.32 11.62
N GLU B 499 0.53 21.60 10.91
CA GLU B 499 0.78 21.80 9.46
C GLU B 499 0.15 20.62 8.75
N VAL B 500 -0.64 20.92 7.71
CA VAL B 500 -1.45 19.95 6.92
C VAL B 500 -0.99 20.01 5.47
N TYR B 501 -0.39 18.93 4.99
CA TYR B 501 0.02 18.78 3.56
C TYR B 501 -1.09 18.00 2.87
N HIS B 502 -1.60 18.51 1.75
CA HIS B 502 -2.68 17.85 0.98
C HIS B 502 -2.43 18.01 -0.53
N SER B 503 -3.17 17.23 -1.29
CA SER B 503 -3.11 17.19 -2.76
C SER B 503 -4.27 16.34 -3.24
N ASN B 504 -4.95 16.82 -4.28
CA ASN B 504 -5.80 15.94 -5.10
C ASN B 504 -4.89 15.02 -5.91
N PHE B 505 -5.47 13.96 -6.44
CA PHE B 505 -4.80 13.11 -7.44
C PHE B 505 -5.84 12.45 -8.31
N LYS B 506 -5.38 11.96 -9.45
CA LYS B 506 -6.17 11.14 -10.39
C LYS B 506 -5.41 9.84 -10.65
N PRO B 507 -6.02 8.69 -10.34
CA PRO B 507 -5.43 7.40 -10.70
C PRO B 507 -5.23 7.39 -12.22
N LEU B 508 -4.05 6.98 -12.68
CA LEU B 508 -3.81 6.79 -14.13
C LEU B 508 -4.93 5.93 -14.72
N GLU B 509 -5.45 4.93 -13.99
CA GLU B 509 -6.53 4.03 -14.48
C GLU B 509 -7.80 4.82 -14.85
N TRP B 510 -7.96 6.05 -14.35
CA TRP B 510 -9.17 6.89 -14.54
C TRP B 510 -9.01 7.81 -15.77
N THR B 511 -7.79 7.89 -16.34
CA THR B 511 -7.47 8.81 -17.46
C THR B 511 -8.12 8.31 -18.74
N VAL B 512 -7.75 7.13 -19.24
CA VAL B 512 -8.40 6.56 -20.46
C VAL B 512 -9.87 6.31 -20.14
N ALA B 513 -10.21 6.01 -18.89
CA ALA B 513 -11.58 5.73 -18.43
C ALA B 513 -12.45 6.98 -18.27
N HIS B 514 -11.89 8.20 -18.41
CA HIS B 514 -12.66 9.48 -18.40
C HIS B 514 -13.47 9.64 -17.10
N ARG B 515 -12.89 9.27 -15.99
CA ARG B 515 -13.43 9.51 -14.63
C ARG B 515 -12.86 10.83 -14.09
N GLU B 516 -13.10 11.14 -12.82
CA GLU B 516 -13.00 12.52 -12.32
C GLU B 516 -11.53 12.89 -12.08
N ASP B 517 -11.19 14.14 -12.41
CA ASP B 517 -9.96 14.84 -11.94
C ASP B 517 -10.26 15.31 -10.51
N ASN B 518 -9.28 15.42 -9.63
CA ASN B 518 -9.47 16.18 -8.37
C ASN B 518 -10.69 15.75 -7.52
N VAL B 519 -11.07 14.49 -7.46
CA VAL B 519 -11.98 13.91 -6.41
C VAL B 519 -11.16 13.03 -5.46
N CYS B 520 -10.19 12.25 -5.94
CA CYS B 520 -9.24 11.54 -5.05
C CYS B 520 -8.41 12.58 -4.32
N TYR B 521 -8.09 12.30 -3.07
CA TYR B 521 -7.56 13.31 -2.12
C TYR B 521 -6.78 12.61 -1.02
N MET B 522 -5.62 13.16 -0.66
CA MET B 522 -4.89 12.68 0.53
C MET B 522 -4.33 13.89 1.30
N LYS B 523 -4.10 13.72 2.60
CA LYS B 523 -3.42 14.74 3.44
C LYS B 523 -2.65 14.06 4.58
N LEU B 524 -1.67 14.78 5.07
CA LEU B 524 -0.86 14.43 6.26
C LEU B 524 -1.03 15.55 7.29
N VAL B 525 -1.60 15.24 8.42
CA VAL B 525 -1.72 16.17 9.56
C VAL B 525 -0.45 15.98 10.38
N CYS B 526 0.43 16.97 10.40
CA CYS B 526 1.72 16.90 11.13
C CYS B 526 1.75 17.95 12.25
N ARG B 527 2.71 17.79 13.17
CA ARG B 527 2.93 18.64 14.36
C ARG B 527 4.25 19.39 14.15
N LYS B 528 4.18 20.71 13.91
CA LYS B 528 5.33 21.62 13.67
C LYS B 528 6.41 21.45 14.76
N SER B 529 6.05 21.56 16.03
CA SER B 529 7.03 21.61 17.15
C SER B 529 7.72 20.26 17.36
N ASP B 530 7.33 19.19 16.65
CA ASP B 530 7.91 17.83 16.83
C ASP B 530 8.45 17.30 15.50
N ASN B 531 9.27 18.08 14.80
CA ASN B 531 9.81 17.76 13.45
C ASN B 531 8.70 17.34 12.50
N MET B 532 7.53 17.96 12.59
CA MET B 532 6.47 17.66 11.59
C MET B 532 6.20 16.15 11.66
N ARG B 533 6.11 15.62 12.89
CA ARG B 533 5.62 14.26 13.20
C ARG B 533 4.26 14.06 12.51
N VAL B 534 4.08 12.94 11.80
CA VAL B 534 2.77 12.62 11.20
C VAL B 534 1.84 12.09 12.30
N LEU B 535 0.80 12.85 12.63
CA LEU B 535 -0.27 12.50 13.61
C LEU B 535 -1.43 11.78 12.89
N GLY B 536 -1.58 12.03 11.59
CA GLY B 536 -2.71 11.48 10.84
C GLY B 536 -2.40 11.40 9.37
N LEU B 537 -2.65 10.24 8.79
CA LEU B 537 -2.65 10.04 7.31
C LEU B 537 -4.09 9.70 6.90
N HIS B 538 -4.57 10.32 5.81
CA HIS B 538 -5.95 10.21 5.29
C HIS B 538 -5.94 10.08 3.76
N VAL B 539 -6.74 9.20 3.17
CA VAL B 539 -6.71 9.03 1.69
C VAL B 539 -8.03 8.48 1.17
N LEU B 540 -8.55 9.16 0.17
CA LEU B 540 -9.80 8.81 -0.55
C LEU B 540 -9.35 8.49 -1.98
N GLY B 541 -9.47 7.22 -2.39
CA GLY B 541 -9.23 6.77 -3.77
C GLY B 541 -9.45 5.27 -3.83
N PRO B 542 -9.14 4.63 -4.97
CA PRO B 542 -9.24 3.17 -5.06
C PRO B 542 -8.16 2.47 -4.21
N ASN B 543 -8.49 1.28 -3.70
CA ASN B 543 -7.56 0.42 -2.92
C ASN B 543 -7.03 1.15 -1.69
N ALA B 544 -7.82 2.01 -1.06
CA ALA B 544 -7.38 2.83 0.09
C ALA B 544 -6.74 1.96 1.18
N GLY B 545 -7.27 0.78 1.43
CA GLY B 545 -6.76 -0.14 2.47
C GLY B 545 -5.37 -0.59 2.15
N GLU B 546 -5.14 -0.96 0.89
CA GLU B 546 -3.83 -1.44 0.39
C GLU B 546 -2.87 -0.25 0.49
N ILE B 547 -3.31 0.94 0.07
CA ILE B 547 -2.46 2.17 0.15
C ILE B 547 -2.05 2.40 1.60
N THR B 548 -3.03 2.43 2.50
CA THR B 548 -2.92 2.95 3.89
C THR B 548 -2.03 2.05 4.72
N GLN B 549 -2.15 0.73 4.55
CA GLN B 549 -1.60 -0.30 5.46
C GLN B 549 -0.13 -0.02 5.75
N GLY B 550 0.69 0.05 4.72
CA GLY B 550 2.15 0.16 4.90
C GLY B 550 2.50 1.31 5.83
N TYR B 551 1.89 2.46 5.62
CA TYR B 551 2.19 3.74 6.34
C TYR B 551 1.90 3.53 7.83
N ALA B 552 0.97 2.61 8.18
CA ALA B 552 0.62 2.33 9.59
C ALA B 552 1.88 1.96 10.38
N VAL B 553 2.82 1.31 9.69
CA VAL B 553 4.08 0.85 10.33
C VAL B 553 5.03 2.03 10.52
N ALA B 554 5.13 2.93 9.54
CA ALA B 554 5.98 4.14 9.65
C ALA B 554 5.45 5.05 10.78
N ILE B 555 4.13 5.21 10.82
CA ILE B 555 3.48 6.08 11.85
C ILE B 555 3.69 5.47 13.24
N LYS B 556 3.49 4.16 13.39
CA LYS B 556 3.78 3.46 14.67
C LYS B 556 5.20 3.80 15.12
N MET B 557 6.15 3.86 14.18
CA MET B 557 7.60 4.10 14.47
C MET B 557 7.90 5.60 14.63
N GLY B 558 6.91 6.47 14.38
CA GLY B 558 7.02 7.91 14.61
C GLY B 558 7.56 8.66 13.40
N ALA B 559 7.12 8.26 12.20
CA ALA B 559 7.44 8.90 10.91
C ALA B 559 7.11 10.38 11.00
N THR B 560 8.03 11.18 10.49
CA THR B 560 7.93 12.65 10.29
C THR B 560 7.61 12.88 8.82
N LYS B 561 7.26 14.10 8.46
CA LYS B 561 7.16 14.50 7.05
C LYS B 561 8.50 14.22 6.35
N ALA B 562 9.65 14.54 6.96
CA ALA B 562 10.99 14.36 6.33
C ALA B 562 11.18 12.89 5.90
N ASP B 563 10.70 11.97 6.71
CA ASP B 563 10.69 10.51 6.45
C ASP B 563 9.90 10.21 5.16
N PHE B 564 8.69 10.75 4.97
CA PHE B 564 7.91 10.60 3.71
C PHE B 564 8.67 11.24 2.53
N ASP B 565 9.16 12.46 2.67
CA ASP B 565 9.93 13.14 1.59
C ASP B 565 11.13 12.31 1.16
N ARG B 566 11.94 11.73 2.09
CA ARG B 566 13.25 11.11 1.74
C ARG B 566 13.01 9.73 1.09
N THR B 567 11.81 9.18 1.21
CA THR B 567 11.37 7.94 0.51
C THR B 567 11.05 8.28 -0.94
N ILE B 568 11.45 7.40 -1.88
CA ILE B 568 11.24 7.57 -3.35
C ILE B 568 9.94 6.87 -3.68
N GLY B 569 9.14 7.46 -4.55
CA GLY B 569 7.86 6.87 -4.95
C GLY B 569 8.03 5.71 -5.88
N ILE B 570 7.01 4.85 -5.96
CA ILE B 570 6.80 3.80 -6.99
C ILE B 570 5.86 4.38 -8.04
N HIS B 571 6.30 4.40 -9.30
CA HIS B 571 5.51 5.03 -10.38
C HIS B 571 5.16 3.95 -11.41
N PRO B 572 3.93 3.87 -11.92
CA PRO B 572 2.79 4.69 -11.51
C PRO B 572 1.84 4.06 -10.48
N THR B 573 1.62 4.77 -9.37
CA THR B 573 0.66 4.37 -8.30
C THR B 573 -0.06 5.61 -7.78
N CYS B 574 -1.26 5.44 -7.24
CA CYS B 574 -1.93 6.36 -6.29
C CYS B 574 -1.03 6.60 -5.06
N SER B 575 -0.54 5.55 -4.42
CA SER B 575 0.19 5.71 -3.14
C SER B 575 1.31 6.73 -3.29
N GLU B 576 2.05 6.78 -4.41
CA GLU B 576 3.33 7.54 -4.49
C GLU B 576 3.11 9.03 -4.15
N THR B 577 1.91 9.57 -4.35
CA THR B 577 1.65 11.02 -4.19
C THR B 577 1.93 11.41 -2.72
N PHE B 578 2.04 10.45 -1.82
CA PHE B 578 2.37 10.74 -0.41
C PHE B 578 3.85 11.04 -0.24
N THR B 579 4.70 10.74 -1.24
CA THR B 579 6.18 10.90 -1.18
C THR B 579 6.67 12.24 -1.73
N THR B 580 5.72 13.10 -2.18
CA THR B 580 6.01 14.41 -2.85
C THR B 580 5.03 15.53 -2.45
N LEU B 581 4.26 15.39 -1.38
CA LEU B 581 3.32 16.47 -0.94
C LEU B 581 4.08 17.73 -0.53
N HIS B 582 3.67 18.89 -1.01
CA HIS B 582 4.39 20.20 -0.86
C HIS B 582 3.40 21.32 -0.49
N VAL B 583 2.15 21.23 -0.95
CA VAL B 583 1.09 22.25 -0.73
C VAL B 583 0.52 22.15 0.69
N THR B 584 0.65 23.22 1.47
CA THR B 584 0.07 23.31 2.84
C THR B 584 -1.31 23.96 2.79
N LYS B 585 -2.15 23.66 3.76
CA LYS B 585 -3.44 24.35 3.97
C LYS B 585 -3.18 25.78 4.40
N LYS B 586 -2.17 26.05 5.24
CA LYS B 586 -1.84 27.45 5.68
C LYS B 586 -1.69 28.34 4.43
N SER B 587 -0.96 27.87 3.42
CA SER B 587 -0.55 28.70 2.27
C SER B 587 -1.78 29.18 1.50
N GLY B 588 -2.90 28.47 1.60
CA GLY B 588 -4.13 28.77 0.83
C GLY B 588 -4.02 28.29 -0.60
N VAL B 589 -2.86 27.80 -1.06
CA VAL B 589 -2.65 27.34 -2.46
C VAL B 589 -3.61 26.18 -2.73
N SER B 590 -4.12 26.05 -3.96
CA SER B 590 -5.10 25.00 -4.35
C SER B 590 -4.44 23.60 -4.34
N PRO B 591 -5.17 22.51 -3.87
CA PRO B 591 -4.85 21.05 -3.90
C PRO B 591 -4.94 20.44 -5.30
N ILE B 592 -5.70 21.07 -6.19
CA ILE B 592 -5.92 20.58 -7.60
C ILE B 592 -4.56 20.40 -8.33
N VAL B 593 -4.52 19.43 -9.24
CA VAL B 593 -3.30 19.04 -10.01
C VAL B 593 -3.61 18.83 -11.51
N SER B 594 -2.58 18.49 -12.31
CA SER B 594 -2.61 18.03 -13.74
C SER B 594 -1.18 17.64 -14.18
N GLY B 595 -1.00 16.64 -15.07
CA GLY B 595 0.31 16.26 -15.64
C GLY B 595 0.97 17.37 -16.45
PA FAD C . 14.43 10.01 -20.35
O1A FAD C . 14.73 8.93 -21.30
O2A FAD C . 13.09 10.02 -19.66
O5B FAD C . 14.65 11.45 -21.00
C5B FAD C . 15.71 11.76 -21.94
C4B FAD C . 15.14 12.60 -23.06
O4B FAD C . 16.22 13.31 -23.72
C3B FAD C . 14.45 11.82 -24.18
O3B FAD C . 13.33 12.56 -24.66
C2B FAD C . 15.57 11.66 -25.21
O2B FAD C . 15.06 11.34 -26.48
C1B FAD C . 16.19 13.06 -25.11
N9A FAD C . 17.55 13.27 -25.66
C8A FAD C . 18.57 12.37 -25.85
N7A FAD C . 19.66 12.93 -26.33
C5A FAD C . 19.34 14.27 -26.47
C6A FAD C . 20.06 15.40 -26.92
N6A FAD C . 21.32 15.37 -27.35
N1A FAD C . 19.43 16.60 -26.90
C2A FAD C . 18.16 16.64 -26.47
N3A FAD C . 17.39 15.66 -26.01
C4A FAD C . 18.04 14.48 -26.04
N1 FAD C . 10.35 3.70 -14.49
C2 FAD C . 9.54 3.65 -13.41
O2 FAD C . 9.85 4.24 -12.35
N3 FAD C . 8.35 2.97 -13.44
C4 FAD C . 7.94 2.28 -14.54
O4 FAD C . 6.85 1.70 -14.50
C4X FAD C . 8.78 2.28 -15.69
N5 FAD C . 8.42 1.62 -16.75
C5X FAD C . 9.26 1.65 -17.83
C6 FAD C . 8.89 0.97 -19.00
C7 FAD C . 9.66 1.00 -20.15
C7M FAD C . 9.19 0.28 -21.38
C8 FAD C . 10.86 1.72 -20.13
C8M FAD C . 11.74 1.78 -21.36
C9 FAD C . 11.27 2.36 -18.99
C9A FAD C . 10.47 2.37 -17.83
N10 FAD C . 10.84 3.04 -16.67
C10 FAD C . 10.00 3.03 -15.57
C1' FAD C . 12.10 3.80 -16.62
C2' FAD C . 11.91 5.29 -16.86
O2' FAD C . 11.24 5.53 -18.08
C3' FAD C . 13.25 6.01 -16.88
O3' FAD C . 13.97 5.72 -15.69
C4' FAD C . 13.14 7.53 -17.00
O4' FAD C . 12.16 7.85 -17.99
C5' FAD C . 14.47 8.15 -17.34
O5' FAD C . 14.46 9.58 -17.04
P FAD C . 15.57 10.51 -17.71
O1P FAD C . 15.12 11.94 -17.64
O2P FAD C . 16.89 10.11 -17.17
O3P FAD C . 15.57 10.02 -19.23
O1 EY7 D . 20.71 -13.69 -19.78
O2 EY7 D . 19.96 -11.81 -18.90
C3 EY7 D . 22.06 -10.26 -19.86
C5 EY7 D . 20.76 -12.42 -19.67
C7 EY7 D . 25.01 -13.03 -17.27
C8 EY7 D . 25.94 -13.22 -16.26
C9 EY7 D . 26.37 -12.12 -15.50
C4 EY7 D . 21.76 -11.63 -20.48
C2 EY7 D . 23.09 -10.37 -18.73
N EY7 D . 23.61 -11.57 -18.47
C6 EY7 D . 24.50 -11.72 -17.49
C11 EY7 D . 24.90 -10.63 -16.72
C10 EY7 D . 25.86 -10.84 -15.71
N1 EY7 D . 24.39 -9.42 -16.97
C1 EY7 D . 23.50 -9.26 -17.97
O EY7 D . 22.93 -8.00 -18.23
C EY7 D . 22.48 -7.32 -17.08
CL CL E . 8.60 -21.64 -0.31
C1 PEG F . 28.48 -11.60 -18.48
O1 PEG F . 29.40 -11.54 -17.42
C2 PEG F . 27.91 -10.27 -18.77
O2 PEG F . 27.01 -10.40 -19.87
C3 PEG F . 26.30 -9.20 -20.13
C4 PEG F . 25.36 -9.45 -21.24
O4 PEG F . 24.68 -8.30 -21.64
CL CL G . 5.36 18.13 -27.76
C1 PEG H . 18.31 17.10 -35.31
O1 PEG H . 18.81 16.09 -36.16
C2 PEG H . 16.96 17.57 -35.72
O2 PEG H . 16.30 18.20 -34.62
C3 PEG H . 15.04 17.62 -34.32
C4 PEG H . 14.02 18.69 -34.12
O4 PEG H . 12.73 18.29 -34.55
C1 PEG I . 18.57 -4.98 -11.99
O1 PEG I . 18.95 -3.78 -12.66
C2 PEG I . 17.19 -4.89 -11.38
O2 PEG I . 17.27 -4.36 -10.06
C3 PEG I . 16.19 -4.76 -9.19
C4 PEG I . 16.51 -4.34 -7.77
O4 PEG I . 15.53 -3.47 -7.23
K K J . 18.55 4.90 -32.29
K K K . 0.09 -7.36 13.90
K K L . -5.68 -14.99 2.95
PA FAD M . -17.67 -11.34 17.05
O1A FAD M . -19.01 -10.75 16.79
O2A FAD M . -16.75 -11.54 15.90
O5B FAD M . -17.86 -12.74 17.80
C5B FAD M . -18.81 -12.88 18.88
C4B FAD M . -19.42 -14.24 18.78
O4B FAD M . -19.83 -14.70 20.09
C3B FAD M . -20.67 -14.32 17.88
O3B FAD M . -20.49 -15.43 17.01
C2B FAD M . -21.82 -14.44 18.90
O2B FAD M . -22.93 -15.15 18.37
C1B FAD M . -21.14 -15.23 20.02
N9A FAD M . -21.70 -15.17 21.38
C8A FAD M . -22.15 -14.07 22.10
N7A FAD M . -22.55 -14.38 23.32
C5A FAD M . -22.34 -15.75 23.41
C6A FAD M . -22.54 -16.68 24.44
N6A FAD M . -23.04 -16.36 25.63
N1A FAD M . -22.22 -17.98 24.21
C2A FAD M . -21.71 -18.30 23.01
N3A FAD M . -21.47 -17.52 21.96
C4A FAD M . -21.81 -16.24 22.23
N1 FAD M . -14.04 -4.85 11.09
C2 FAD M . -12.95 -4.74 10.32
O2 FAD M . -11.83 -4.78 10.84
N3 FAD M . -13.05 -4.55 8.95
C4 FAD M . -14.26 -4.49 8.30
O4 FAD M . -14.28 -4.37 7.08
C4X FAD M . -15.44 -4.62 9.09
N5 FAD M . -16.61 -4.58 8.51
C5X FAD M . -17.72 -4.75 9.31
C6 FAD M . -18.99 -4.73 8.72
C7 FAD M . -20.14 -4.87 9.46
C7M FAD M . -21.48 -4.88 8.80
C8 FAD M . -20.02 -5.08 10.86
C8M FAD M . -21.24 -5.28 11.75
C9 FAD M . -18.79 -5.09 11.46
C9A FAD M . -17.62 -4.94 10.70
N10 FAD M . -16.35 -4.94 11.29
C10 FAD M . -15.23 -4.81 10.50
C1' FAD M . -16.19 -5.14 12.74
C2' FAD M . -15.88 -6.59 13.09
O2' FAD M . -16.83 -7.51 12.52
C3' FAD M . -15.87 -6.74 14.60
O3' FAD M . -14.95 -5.82 15.14
C4' FAD M . -15.51 -8.16 15.04
O4' FAD M . -16.51 -9.07 14.58
C5' FAD M . -15.37 -8.30 16.55
O5' FAD M . -14.98 -9.66 16.89
P FAD M . -15.31 -10.20 18.36
O1P FAD M . -14.55 -11.48 18.53
O2P FAD M . -15.10 -9.09 19.33
O3P FAD M . -16.89 -10.51 18.18
O1 EY7 N . -24.18 11.02 15.28
O2 EY7 N . -26.17 10.89 14.47
C3 EY7 N . -25.89 9.75 17.67
C5 EY7 N . -25.31 10.48 15.27
C7 EY7 N . -23.98 13.81 19.51
C8 EY7 N . -22.98 14.49 20.22
C9 EY7 N . -21.88 13.79 20.76
C4 EY7 N . -25.57 9.32 16.24
C2 EY7 N . -24.77 10.45 18.44
N EY7 N . -24.86 11.77 18.63
C6 EY7 N . -23.90 12.41 19.33
C11 EY7 N . -22.80 11.72 19.86
C10 EY7 N . -21.78 12.40 20.58
N1 EY7 N . -22.72 10.40 19.69
C1 EY7 N . -23.67 9.74 18.99
O EY7 N . -23.56 8.33 18.83
C EY7 N . -22.40 7.75 19.37
CL CL O . -22.14 5.27 -10.92
C1 PEG P . -24.09 11.33 23.35
O1 PEG P . -22.96 11.50 24.16
C2 PEG P . -24.50 9.88 23.21
O2 PEG P . -25.39 9.70 22.10
C3 PEG P . -26.34 10.77 21.96
C4 PEG P . -27.34 10.42 20.90
O4 PEG P . -28.25 11.48 20.65
K K Q . -1.86 12.72 -10.16
CL CL R . -9.43 1.91 -10.39
#